data_6HH5
#
_entry.id   6HH5
#
_cell.length_a   66.869
_cell.length_b   98.178
_cell.length_c   105.554
_cell.angle_alpha   90.00
_cell.angle_beta   90.00
_cell.angle_gamma   90.00
#
_symmetry.space_group_name_H-M   'P 21 21 21'
#
loop_
_entity.id
_entity.type
_entity.pdbx_description
1 polymer 'ADP-ribosylhydrolase like 2'
2 non-polymer 'MAGNESIUM ION'
3 non-polymer 'Adenosine Diphosphate (Hydroxymethyl)pyrrolidine monoalcohol'
4 non-polymer GLYCEROL
5 water water
#
_entity_poly.entity_id   1
_entity_poly.type   'polypeptide(L)'
_entity_poly.pdbx_seq_one_letter_code
;GPMVSLAQVRGALCGALLGDCMGAEFEGSDAVELPDVLEFVRLLEKEKKAGTLFYTDDTAMTRAVIQSLIAKPDFDEVDM
AKRFAEEYKKEPTRGYGAGVVQVFKKLLSPKYSDVFQPAREQFDGKGSYGNGGAMRVASIALAYPNIQDVIKFARRSAQL
THASPLGYNGAILQALAVHFALQGELKRDTFLEQLIGEMERIEGGEMSASDAGEHDRPNEVKLPFCSRLKKIKEFLASSN
VPKADIVDELGHGIAALESVPTAIYSFLHCMESDPDIPDLYNNLQRTIIYSISLGGDTDTIATMAGAIAGAYYGMDQVTP
SWKRSCEAIVETEESAVKLYELYCKQLKTP
;
_entity_poly.pdbx_strand_id   A,B
#
# COMPACT_ATOMS: atom_id res chain seq x y z
N MET A 3 -37.76 -12.26 -3.45
CA MET A 3 -36.90 -11.82 -2.32
C MET A 3 -35.48 -12.38 -2.51
N VAL A 4 -34.60 -11.85 -1.67
CA VAL A 4 -33.23 -12.18 -1.58
C VAL A 4 -33.05 -13.62 -1.08
N SER A 5 -32.15 -14.33 -1.75
CA SER A 5 -31.86 -15.74 -1.49
C SER A 5 -30.60 -15.82 -0.63
N LEU A 6 -30.42 -16.97 0.03
CA LEU A 6 -29.18 -17.25 0.78
C LEU A 6 -27.95 -17.13 -0.15
N ALA A 7 -28.10 -17.63 -1.39
CA ALA A 7 -27.05 -17.60 -2.38
C ALA A 7 -26.57 -16.16 -2.58
N GLN A 8 -27.47 -15.19 -2.52
CA GLN A 8 -27.12 -13.80 -2.78
C GLN A 8 -26.35 -13.19 -1.60
N VAL A 9 -26.75 -13.47 -0.36
CA VAL A 9 -26.08 -12.95 0.78
C VAL A 9 -24.67 -13.58 0.89
N ARG A 10 -24.61 -14.90 0.71
CA ARG A 10 -23.36 -15.67 0.72
C ARG A 10 -22.42 -15.13 -0.36
N GLY A 11 -22.97 -14.97 -1.56
CA GLY A 11 -22.27 -14.45 -2.69
C GLY A 11 -21.67 -13.08 -2.40
N ALA A 12 -22.47 -12.19 -1.79
CA ALA A 12 -22.02 -10.81 -1.51
C ALA A 12 -20.80 -10.84 -0.58
N LEU A 13 -20.94 -11.55 0.54
CA LEU A 13 -19.88 -11.55 1.53
C LEU A 13 -18.62 -12.23 0.99
N CYS A 14 -18.79 -13.36 0.27
CA CYS A 14 -17.64 -14.10 -0.23
C CYS A 14 -16.96 -13.30 -1.34
N GLY A 15 -17.76 -12.61 -2.13
CA GLY A 15 -17.23 -11.74 -3.15
C GLY A 15 -16.42 -10.61 -2.54
N ALA A 16 -16.92 -10.05 -1.41
CA ALA A 16 -16.18 -9.01 -0.68
C ALA A 16 -14.86 -9.56 -0.13
N LEU A 17 -14.89 -10.76 0.45
CA LEU A 17 -13.68 -11.36 0.97
C LEU A 17 -12.64 -11.63 -0.15
N LEU A 18 -13.10 -12.22 -1.27
CA LEU A 18 -12.24 -12.50 -2.39
C LEU A 18 -11.62 -11.20 -2.92
N GLY A 19 -12.43 -10.15 -3.03
CA GLY A 19 -11.94 -8.87 -3.52
C GLY A 19 -10.82 -8.31 -2.65
N ASP A 20 -11.03 -8.38 -1.34
CA ASP A 20 -10.04 -7.90 -0.37
C ASP A 20 -8.76 -8.74 -0.44
N CYS A 21 -8.90 -10.05 -0.25
CA CYS A 21 -7.78 -11.01 -0.19
C CYS A 21 -6.97 -11.01 -1.49
N MET A 22 -7.63 -11.04 -2.64
CA MET A 22 -6.93 -11.06 -3.94
C MET A 22 -6.36 -9.69 -4.27
N GLY A 23 -7.15 -8.63 -4.07
CA GLY A 23 -6.70 -7.26 -4.23
C GLY A 23 -5.42 -6.95 -3.46
N ALA A 24 -5.29 -7.53 -2.25
CA ALA A 24 -4.21 -7.15 -1.32
C ALA A 24 -2.83 -7.37 -1.94
N GLU A 25 -2.72 -8.40 -2.80
CA GLU A 25 -1.51 -8.74 -3.55
C GLU A 25 -0.85 -7.55 -4.28
N PHE A 26 -1.67 -6.58 -4.70
CA PHE A 26 -1.30 -5.52 -5.60
C PHE A 26 -1.45 -4.12 -4.97
N GLU A 27 -1.68 -4.04 -3.65
CA GLU A 27 -2.09 -2.77 -2.97
C GLU A 27 -1.04 -1.66 -3.21
N GLY A 28 -1.52 -0.45 -3.56
CA GLY A 28 -0.71 0.78 -3.65
C GLY A 28 0.20 0.84 -4.87
N SER A 29 -0.17 0.09 -5.92
CA SER A 29 0.67 -0.11 -7.05
C SER A 29 0.14 0.70 -8.25
N ASP A 30 1.06 1.54 -8.76
CA ASP A 30 1.13 2.12 -10.09
C ASP A 30 1.42 1.05 -11.15
N ALA A 31 2.10 -0.03 -10.73
CA ALA A 31 2.33 -1.23 -11.56
C ALA A 31 1.22 -2.25 -11.28
N VAL A 32 0.20 -2.29 -12.16
CA VAL A 32 -0.65 -3.46 -12.31
C VAL A 32 -1.23 -3.42 -13.71
N GLU A 33 -1.12 -4.53 -14.42
CA GLU A 33 -1.84 -4.74 -15.61
C GLU A 33 -2.36 -6.18 -15.58
N LEU A 34 -3.43 -6.36 -16.36
CA LEU A 34 -4.19 -7.55 -16.42
C LEU A 34 -3.32 -8.80 -16.56
N PRO A 35 -2.26 -8.85 -17.38
CA PRO A 35 -1.44 -10.06 -17.45
C PRO A 35 -0.97 -10.58 -16.07
N ASP A 36 -0.57 -9.67 -15.17
CA ASP A 36 -0.14 -10.03 -13.81
C ASP A 36 -1.32 -10.62 -13.03
N VAL A 37 -2.52 -10.09 -13.22
CA VAL A 37 -3.69 -10.55 -12.45
C VAL A 37 -4.05 -11.96 -12.91
N LEU A 38 -4.05 -12.19 -14.23
CA LEU A 38 -4.35 -13.50 -14.80
C LEU A 38 -3.31 -14.52 -14.32
N GLU A 39 -2.02 -14.13 -14.32
CA GLU A 39 -0.92 -15.00 -13.87
CA GLU A 39 -0.92 -15.00 -13.87
C GLU A 39 -1.13 -15.34 -12.39
N PHE A 40 -1.46 -14.31 -11.60
CA PHE A 40 -1.70 -14.48 -10.16
C PHE A 40 -2.82 -15.50 -9.95
N VAL A 41 -3.95 -15.32 -10.66
CA VAL A 41 -5.12 -16.20 -10.55
C VAL A 41 -4.74 -17.63 -10.93
N ARG A 42 -4.05 -17.84 -12.05
CA ARG A 42 -3.63 -19.22 -12.47
C ARG A 42 -2.83 -19.88 -11.34
N LEU A 43 -1.90 -19.14 -10.73
CA LEU A 43 -1.08 -19.64 -9.62
C LEU A 43 -1.95 -19.92 -8.40
N LEU A 44 -2.93 -19.05 -8.14
CA LEU A 44 -3.85 -19.24 -7.03
C LEU A 44 -4.63 -20.56 -7.18
N GLU A 45 -5.09 -20.86 -8.38
CA GLU A 45 -6.02 -21.97 -8.62
C GLU A 45 -5.30 -23.33 -8.61
N LYS A 46 -3.98 -23.35 -8.35
CA LYS A 46 -3.27 -24.64 -8.21
C LYS A 46 -2.46 -24.69 -6.90
N GLU A 47 -2.66 -23.71 -6.01
CA GLU A 47 -2.05 -23.69 -4.67
C GLU A 47 -2.61 -24.87 -3.87
N LYS A 48 -1.71 -25.70 -3.33
CA LYS A 48 -2.09 -26.87 -2.54
C LYS A 48 -2.67 -26.44 -1.18
N LYS A 49 -2.02 -25.51 -0.46
CA LYS A 49 -2.52 -25.03 0.86
C LYS A 49 -3.74 -24.11 0.67
N ALA A 50 -4.74 -24.28 1.54
CA ALA A 50 -5.87 -23.36 1.62
C ALA A 50 -5.46 -22.19 2.51
N GLY A 51 -6.15 -21.07 2.35
CA GLY A 51 -5.98 -19.90 3.23
C GLY A 51 -4.63 -19.21 3.08
N THR A 52 -4.04 -19.17 1.87
CA THR A 52 -2.78 -18.45 1.68
C THR A 52 -2.99 -16.93 1.59
N LEU A 53 -4.19 -16.45 1.26
CA LEU A 53 -4.41 -15.00 1.14
C LEU A 53 -5.05 -14.44 2.41
N PHE A 54 -4.36 -13.51 3.07
CA PHE A 54 -4.81 -12.89 4.29
C PHE A 54 -5.62 -11.63 3.96
N TYR A 55 -6.59 -11.34 4.84
CA TYR A 55 -7.44 -10.22 4.58
C TYR A 55 -6.84 -8.98 5.24
N THR A 56 -7.41 -7.82 4.91
CA THR A 56 -6.90 -6.57 5.36
C THR A 56 -7.96 -5.87 6.22
N ASP A 57 -7.79 -4.55 6.35
CA ASP A 57 -8.66 -3.69 7.11
C ASP A 57 -10.09 -3.79 6.56
N ASP A 58 -10.21 -4.00 5.24
CA ASP A 58 -11.49 -4.05 4.55
C ASP A 58 -12.38 -5.14 5.19
N THR A 59 -11.83 -6.36 5.28
CA THR A 59 -12.57 -7.47 5.84
C THR A 59 -12.67 -7.33 7.36
N ALA A 60 -11.59 -6.88 8.03
CA ALA A 60 -11.60 -6.78 9.49
C ALA A 60 -12.80 -5.92 9.96
N MET A 61 -13.02 -4.81 9.26
CA MET A 61 -14.08 -3.85 9.59
C MET A 61 -15.44 -4.44 9.18
N THR A 62 -15.47 -5.18 8.06
CA THR A 62 -16.66 -5.91 7.58
C THR A 62 -17.11 -6.90 8.64
N ARG A 63 -16.18 -7.62 9.27
CA ARG A 63 -16.55 -8.61 10.27
C ARG A 63 -17.11 -7.92 11.51
N ALA A 64 -16.54 -6.76 11.88
CA ALA A 64 -17.05 -5.99 13.01
C ALA A 64 -18.47 -5.49 12.72
N VAL A 65 -18.69 -4.95 11.51
CA VAL A 65 -20.07 -4.48 11.12
C VAL A 65 -21.05 -5.63 11.35
N ILE A 66 -20.74 -6.79 10.77
CA ILE A 66 -21.62 -7.94 10.79
C ILE A 66 -21.88 -8.38 12.23
N GLN A 67 -20.84 -8.41 13.07
CA GLN A 67 -21.04 -8.88 14.42
C GLN A 67 -21.93 -7.88 15.18
N SER A 68 -21.88 -6.59 14.81
CA SER A 68 -22.72 -5.57 15.46
C SER A 68 -24.18 -5.76 15.02
N LEU A 69 -24.41 -5.97 13.72
CA LEU A 69 -25.76 -6.17 13.21
C LEU A 69 -26.41 -7.40 13.84
N ILE A 70 -25.64 -8.47 14.04
CA ILE A 70 -26.20 -9.70 14.56
C ILE A 70 -26.52 -9.48 16.03
N ALA A 71 -25.63 -8.80 16.74
CA ALA A 71 -25.81 -8.57 18.16
C ALA A 71 -26.95 -7.57 18.41
N LYS A 72 -27.04 -6.54 17.57
CA LYS A 72 -28.00 -5.44 17.75
C LYS A 72 -28.67 -5.17 16.42
N PRO A 73 -29.63 -6.03 16.04
CA PRO A 73 -30.24 -5.94 14.70
C PRO A 73 -31.04 -4.66 14.43
N ASP A 74 -31.38 -3.86 15.45
CA ASP A 74 -32.03 -2.56 15.18
C ASP A 74 -31.01 -1.47 14.85
N PHE A 75 -29.71 -1.82 14.88
CA PHE A 75 -28.58 -0.95 14.58
C PHE A 75 -28.21 -0.12 15.80
N ASP A 76 -27.08 -0.47 16.42
CA ASP A 76 -26.56 0.19 17.59
C ASP A 76 -25.13 0.69 17.27
N GLU A 77 -25.03 1.98 16.97
CA GLU A 77 -23.82 2.65 16.53
C GLU A 77 -22.77 2.68 17.65
N VAL A 78 -23.22 2.67 18.91
CA VAL A 78 -22.29 2.63 20.03
C VAL A 78 -21.64 1.24 20.06
N ASP A 79 -22.44 0.18 19.93
CA ASP A 79 -21.93 -1.19 19.85
C ASP A 79 -20.99 -1.31 18.65
N MET A 80 -21.36 -0.73 17.51
CA MET A 80 -20.56 -0.89 16.29
C MET A 80 -19.20 -0.20 16.46
N ALA A 81 -19.20 1.02 17.01
CA ALA A 81 -17.99 1.78 17.25
C ALA A 81 -17.04 1.00 18.17
N LYS A 82 -17.60 0.41 19.24
CA LYS A 82 -16.84 -0.37 20.20
C LYS A 82 -16.17 -1.55 19.47
N ARG A 83 -16.89 -2.23 18.60
CA ARG A 83 -16.35 -3.39 17.89
C ARG A 83 -15.23 -2.96 16.93
N PHE A 84 -15.43 -1.86 16.20
CA PHE A 84 -14.37 -1.29 15.35
C PHE A 84 -13.13 -1.03 16.21
N ALA A 85 -13.32 -0.39 17.36
CA ALA A 85 -12.18 0.04 18.18
C ALA A 85 -11.46 -1.18 18.78
N GLU A 86 -12.22 -2.20 19.19
CA GLU A 86 -11.65 -3.40 19.82
CA GLU A 86 -11.64 -3.39 19.83
C GLU A 86 -10.95 -4.26 18.76
N GLU A 87 -11.53 -4.31 17.55
CA GLU A 87 -10.93 -5.06 16.42
C GLU A 87 -9.57 -4.43 16.08
N TYR A 88 -9.54 -3.10 15.97
CA TYR A 88 -8.30 -2.41 15.71
C TYR A 88 -7.26 -2.75 16.79
N LYS A 89 -7.69 -2.67 18.04
CA LYS A 89 -6.81 -2.87 19.16
C LYS A 89 -6.20 -4.28 19.12
N LYS A 90 -7.02 -5.28 18.76
CA LYS A 90 -6.65 -6.67 18.75
C LYS A 90 -5.69 -6.95 17.58
N GLU A 91 -5.99 -6.38 16.41
CA GLU A 91 -5.20 -6.65 15.21
C GLU A 91 -4.87 -5.33 14.51
N PRO A 92 -3.97 -4.50 15.08
CA PRO A 92 -3.69 -3.19 14.52
C PRO A 92 -2.93 -3.17 13.18
N THR A 93 -2.32 -4.31 12.79
CA THR A 93 -1.47 -4.33 11.63
C THR A 93 -2.22 -4.82 10.38
N ARG A 94 -3.55 -4.75 10.33
CA ARG A 94 -4.31 -5.29 9.20
C ARG A 94 -4.21 -4.40 7.95
N GLY A 95 -3.71 -3.17 8.07
CA GLY A 95 -3.59 -2.26 6.90
C GLY A 95 -4.56 -1.08 6.92
N TYR A 96 -4.82 -0.53 8.11
CA TYR A 96 -5.72 0.57 8.32
C TYR A 96 -5.17 1.89 7.74
N GLY A 97 -6.09 2.80 7.38
CA GLY A 97 -5.77 4.20 7.09
C GLY A 97 -5.00 4.87 8.23
N ALA A 98 -4.12 5.80 7.87
CA ALA A 98 -3.26 6.49 8.82
C ALA A 98 -4.11 7.42 9.70
N GLY A 99 -5.15 8.02 9.12
CA GLY A 99 -6.04 8.91 9.87
C GLY A 99 -6.87 8.16 10.88
N VAL A 100 -7.54 7.09 10.42
CA VAL A 100 -8.62 6.45 11.16
C VAL A 100 -8.10 5.81 12.44
N VAL A 101 -6.80 5.50 12.48
CA VAL A 101 -6.15 5.02 13.70
C VAL A 101 -6.44 5.96 14.89
N GLN A 102 -6.42 7.29 14.65
CA GLN A 102 -6.65 8.29 15.72
C GLN A 102 -8.09 8.19 16.23
N VAL A 103 -9.03 7.87 15.34
CA VAL A 103 -10.44 7.70 15.76
C VAL A 103 -10.52 6.48 16.70
N PHE A 104 -9.86 5.38 16.35
CA PHE A 104 -9.94 4.17 17.16
C PHE A 104 -9.37 4.41 18.55
N LYS A 105 -8.26 5.13 18.65
CA LYS A 105 -7.63 5.38 19.93
C LYS A 105 -8.54 6.29 20.79
N LYS A 106 -9.15 7.29 20.15
CA LYS A 106 -10.09 8.22 20.81
C LYS A 106 -11.32 7.45 21.34
N LEU A 107 -11.86 6.54 20.54
CA LEU A 107 -12.99 5.70 20.95
C LEU A 107 -12.58 4.76 22.10
N LEU A 108 -11.32 4.30 22.13
CA LEU A 108 -10.85 3.36 23.18
C LEU A 108 -10.62 4.09 24.50
N SER A 109 -10.41 5.41 24.46
CA SER A 109 -10.21 6.20 25.66
C SER A 109 -11.55 6.47 26.34
N PRO A 110 -11.56 6.84 27.64
CA PRO A 110 -12.81 7.21 28.32
C PRO A 110 -13.21 8.69 28.15
N LYS A 111 -12.68 9.37 27.13
CA LYS A 111 -12.80 10.83 26.99
C LYS A 111 -14.06 11.22 26.20
N TYR A 112 -14.56 10.33 25.33
CA TYR A 112 -15.62 10.65 24.39
C TYR A 112 -16.90 9.89 24.76
N SER A 113 -17.94 10.61 25.18
CA SER A 113 -19.25 9.99 25.36
C SER A 113 -19.98 9.89 24.01
N ASP A 114 -19.67 10.82 23.10
CA ASP A 114 -20.29 10.85 21.79
C ASP A 114 -19.38 10.11 20.77
N VAL A 115 -19.86 8.96 20.28
CA VAL A 115 -19.07 8.05 19.44
C VAL A 115 -18.85 8.64 18.05
N PHE A 116 -19.56 9.70 17.67
CA PHE A 116 -19.38 10.34 16.35
C PHE A 116 -18.33 11.45 16.39
N GLN A 117 -17.96 11.89 17.60
CA GLN A 117 -17.18 13.10 17.78
C GLN A 117 -15.74 12.91 17.30
N PRO A 118 -15.05 11.78 17.61
CA PRO A 118 -13.72 11.56 17.07
C PRO A 118 -13.67 11.77 15.55
N ALA A 119 -14.65 11.23 14.82
CA ALA A 119 -14.69 11.37 13.37
C ALA A 119 -14.83 12.83 12.94
N ARG A 120 -15.63 13.60 13.69
CA ARG A 120 -15.87 15.01 13.33
C ARG A 120 -14.56 15.79 13.43
N GLU A 121 -13.67 15.37 14.33
CA GLU A 121 -12.42 16.08 14.64
C GLU A 121 -11.33 15.78 13.60
N GLN A 122 -11.50 14.72 12.80
CA GLN A 122 -10.50 14.29 11.82
C GLN A 122 -10.18 15.42 10.82
N PHE A 123 -8.90 15.52 10.44
CA PHE A 123 -8.38 16.45 9.43
C PHE A 123 -8.93 17.87 9.65
N ASP A 124 -8.57 18.46 10.79
CA ASP A 124 -8.90 19.85 11.15
C ASP A 124 -10.42 20.07 11.18
N GLY A 125 -11.18 19.04 11.57
CA GLY A 125 -12.63 19.14 11.73
C GLY A 125 -13.42 18.98 10.43
N LYS A 126 -12.74 18.67 9.31
CA LYS A 126 -13.39 18.50 8.00
C LYS A 126 -13.85 17.04 7.82
N GLY A 127 -13.26 16.12 8.60
CA GLY A 127 -13.60 14.71 8.53
C GLY A 127 -12.91 14.02 7.37
N SER A 128 -12.82 12.70 7.43
CA SER A 128 -12.16 11.90 6.43
C SER A 128 -13.06 11.72 5.20
N TYR A 129 -12.45 11.83 4.01
CA TYR A 129 -13.10 11.54 2.74
C TYR A 129 -12.60 10.18 2.17
N GLY A 130 -11.97 9.38 3.03
CA GLY A 130 -11.49 8.02 2.66
C GLY A 130 -12.64 7.06 2.42
N ASN A 131 -12.30 5.89 1.87
CA ASN A 131 -13.30 4.93 1.41
C ASN A 131 -13.57 3.88 2.49
N GLY A 132 -13.05 4.09 3.69
CA GLY A 132 -13.15 3.10 4.74
C GLY A 132 -14.59 2.88 5.19
N GLY A 133 -15.44 3.92 5.06
CA GLY A 133 -16.84 3.79 5.34
C GLY A 133 -17.53 2.85 4.36
N ALA A 134 -17.17 3.00 3.09
CA ALA A 134 -17.78 2.23 2.00
C ALA A 134 -17.26 0.79 1.96
N MET A 135 -15.99 0.58 2.36
CA MET A 135 -15.37 -0.70 2.12
C MET A 135 -16.05 -1.78 2.98
N ARG A 136 -16.73 -1.34 4.06
CA ARG A 136 -17.27 -2.25 5.07
C ARG A 136 -18.82 -2.24 5.08
N VAL A 137 -19.46 -1.54 4.13
CA VAL A 137 -20.88 -1.19 4.31
C VAL A 137 -21.81 -2.22 3.66
N ALA A 138 -21.30 -3.09 2.76
CA ALA A 138 -22.20 -4.00 1.99
C ALA A 138 -23.28 -4.66 2.90
N SER A 139 -22.87 -5.09 4.10
CA SER A 139 -23.68 -5.93 4.96
C SER A 139 -24.93 -5.16 5.42
N ILE A 140 -24.87 -3.82 5.42
CA ILE A 140 -26.06 -2.99 5.76
C ILE A 140 -27.18 -3.35 4.76
N ALA A 141 -26.82 -3.45 3.48
CA ALA A 141 -27.78 -3.72 2.41
C ALA A 141 -28.21 -5.18 2.45
N LEU A 142 -27.40 -6.06 3.04
CA LEU A 142 -27.75 -7.47 3.15
C LEU A 142 -28.66 -7.71 4.38
N ALA A 143 -28.73 -6.75 5.31
CA ALA A 143 -29.42 -6.95 6.58
C ALA A 143 -30.80 -6.27 6.58
N TYR A 144 -30.97 -5.19 5.79
CA TYR A 144 -32.11 -4.28 5.87
C TYR A 144 -32.72 -4.17 4.48
N PRO A 145 -33.88 -4.82 4.26
CA PRO A 145 -34.58 -4.75 2.97
C PRO A 145 -34.97 -3.34 2.53
N ASN A 146 -35.41 -2.51 3.49
CA ASN A 146 -35.99 -1.19 3.22
C ASN A 146 -34.89 -0.18 2.87
N ILE A 147 -35.06 0.50 1.74
CA ILE A 147 -34.05 1.38 1.21
C ILE A 147 -33.79 2.54 2.18
N GLN A 148 -34.83 3.01 2.85
CA GLN A 148 -34.65 4.15 3.74
C GLN A 148 -33.76 3.75 4.93
N ASP A 149 -33.88 2.51 5.40
CA ASP A 149 -32.98 1.99 6.41
C ASP A 149 -31.54 1.90 5.88
N VAL A 150 -31.39 1.43 4.64
CA VAL A 150 -30.10 1.23 4.01
C VAL A 150 -29.36 2.58 3.97
N ILE A 151 -30.03 3.62 3.50
CA ILE A 151 -29.48 4.97 3.46
C ILE A 151 -29.06 5.43 4.87
N LYS A 152 -30.00 5.43 5.84
CA LYS A 152 -29.69 6.07 7.15
C LYS A 152 -28.63 5.26 7.88
N PHE A 153 -28.66 3.92 7.78
CA PHE A 153 -27.68 3.08 8.50
C PHE A 153 -26.32 3.04 7.78
N ALA A 154 -26.33 3.11 6.44
CA ALA A 154 -25.08 3.29 5.72
C ALA A 154 -24.38 4.55 6.22
N ARG A 155 -25.13 5.66 6.27
CA ARG A 155 -24.63 6.95 6.67
C ARG A 155 -24.04 6.86 8.07
N ARG A 156 -24.81 6.32 9.00
CA ARG A 156 -24.39 6.35 10.41
C ARG A 156 -23.18 5.42 10.62
N SER A 157 -23.19 4.22 10.02
CA SER A 157 -22.08 3.30 10.15
C SER A 157 -20.82 4.00 9.65
N ALA A 158 -20.93 4.73 8.54
CA ALA A 158 -19.80 5.44 7.92
C ALA A 158 -19.31 6.59 8.81
N GLN A 159 -20.26 7.31 9.43
CA GLN A 159 -19.96 8.53 10.17
C GLN A 159 -19.19 8.21 11.48
N LEU A 160 -19.15 6.94 11.91
CA LEU A 160 -18.27 6.54 13.05
C LEU A 160 -16.79 6.84 12.75
N THR A 161 -16.41 6.85 11.48
CA THR A 161 -15.01 7.11 11.09
C THR A 161 -14.92 8.24 10.07
N HIS A 162 -15.95 8.43 9.25
CA HIS A 162 -15.90 9.30 8.08
C HIS A 162 -16.97 10.40 8.17
N ALA A 163 -16.55 11.57 8.66
CA ALA A 163 -17.42 12.68 8.98
C ALA A 163 -17.63 13.60 7.78
N SER A 164 -16.79 13.48 6.74
CA SER A 164 -16.93 14.31 5.54
C SER A 164 -18.07 13.79 4.68
N PRO A 165 -18.93 14.66 4.10
CA PRO A 165 -19.93 14.19 3.14
C PRO A 165 -19.40 13.27 2.05
N LEU A 166 -18.16 13.48 1.57
CA LEU A 166 -17.62 12.59 0.56
C LEU A 166 -17.49 11.19 1.16
N GLY A 167 -16.96 11.09 2.39
CA GLY A 167 -16.78 9.79 3.03
C GLY A 167 -18.11 9.06 3.23
N TYR A 168 -19.12 9.74 3.80
CA TYR A 168 -20.32 9.03 4.23
C TYR A 168 -21.27 8.83 3.04
N ASN A 169 -21.33 9.79 2.11
CA ASN A 169 -22.15 9.64 0.88
C ASN A 169 -21.57 8.55 -0.03
N GLY A 170 -20.23 8.40 -0.01
CA GLY A 170 -19.56 7.27 -0.69
C GLY A 170 -20.02 5.93 -0.16
N ALA A 171 -20.14 5.85 1.17
CA ALA A 171 -20.65 4.65 1.82
C ALA A 171 -22.11 4.39 1.42
N ILE A 172 -22.92 5.45 1.35
CA ILE A 172 -24.36 5.29 1.00
C ILE A 172 -24.46 4.73 -0.43
N LEU A 173 -23.64 5.27 -1.33
CA LEU A 173 -23.66 4.85 -2.71
C LEU A 173 -23.32 3.36 -2.83
N GLN A 174 -22.27 2.91 -2.12
CA GLN A 174 -21.84 1.52 -2.15
C GLN A 174 -22.95 0.63 -1.60
N ALA A 175 -23.57 1.07 -0.50
CA ALA A 175 -24.70 0.34 0.11
C ALA A 175 -25.88 0.26 -0.87
N LEU A 176 -26.16 1.36 -1.56
CA LEU A 176 -27.27 1.36 -2.54
C LEU A 176 -26.93 0.41 -3.70
N ALA A 177 -25.64 0.33 -4.08
CA ALA A 177 -25.26 -0.50 -5.23
C ALA A 177 -25.54 -1.98 -4.88
N VAL A 178 -25.18 -2.38 -3.66
CA VAL A 178 -25.47 -3.72 -3.22
C VAL A 178 -26.99 -3.91 -3.12
N HIS A 179 -27.66 -2.95 -2.50
CA HIS A 179 -29.12 -3.00 -2.35
C HIS A 179 -29.78 -3.33 -3.69
N PHE A 180 -29.52 -2.51 -4.71
CA PHE A 180 -30.16 -2.67 -6.01
C PHE A 180 -29.69 -3.92 -6.77
N ALA A 181 -28.44 -4.36 -6.55
CA ALA A 181 -27.92 -5.61 -7.17
C ALA A 181 -28.69 -6.82 -6.62
N LEU A 182 -29.20 -6.68 -5.39
CA LEU A 182 -29.91 -7.77 -4.76
C LEU A 182 -31.27 -7.96 -5.40
N GLN A 183 -31.83 -6.93 -6.05
CA GLN A 183 -33.28 -6.84 -6.35
CA GLN A 183 -33.30 -6.85 -6.34
C GLN A 183 -33.56 -7.37 -7.76
N GLY A 184 -33.54 -8.69 -7.90
CA GLY A 184 -33.78 -9.36 -9.18
C GLY A 184 -32.56 -9.23 -10.08
N GLU A 185 -32.49 -10.13 -11.08
CA GLU A 185 -31.54 -9.93 -12.18
C GLU A 185 -31.98 -8.67 -12.92
N LEU A 186 -31.65 -7.54 -12.31
CA LEU A 186 -32.02 -6.22 -12.75
C LEU A 186 -31.10 -5.81 -13.90
N LYS A 187 -31.71 -5.37 -15.01
CA LYS A 187 -31.02 -4.85 -16.20
C LYS A 187 -30.00 -3.78 -15.81
N ARG A 188 -28.93 -3.68 -16.58
CA ARG A 188 -27.90 -2.64 -16.46
C ARG A 188 -28.53 -1.23 -16.37
N ASP A 189 -29.46 -0.93 -17.27
CA ASP A 189 -29.95 0.43 -17.39
C ASP A 189 -30.83 0.81 -16.19
N THR A 190 -31.62 -0.16 -15.69
CA THR A 190 -32.49 0.06 -14.50
C THR A 190 -31.61 0.32 -13.28
N PHE A 191 -30.60 -0.54 -13.10
CA PHE A 191 -29.66 -0.45 -11.98
C PHE A 191 -29.13 0.99 -11.84
N LEU A 192 -28.62 1.55 -12.94
CA LEU A 192 -27.98 2.84 -12.92
C LEU A 192 -29.02 3.93 -12.63
N GLU A 193 -30.19 3.84 -13.28
CA GLU A 193 -31.26 4.80 -13.10
C GLU A 193 -31.57 4.95 -11.58
N GLN A 194 -31.80 3.80 -10.94
CA GLN A 194 -32.04 3.72 -9.51
C GLN A 194 -30.94 4.50 -8.75
N LEU A 195 -29.66 4.26 -9.03
CA LEU A 195 -28.54 4.87 -8.28
C LEU A 195 -28.46 6.40 -8.46
N ILE A 196 -28.63 6.83 -9.70
CA ILE A 196 -28.56 8.25 -10.01
C ILE A 196 -29.71 8.97 -9.31
N GLY A 197 -30.91 8.41 -9.47
CA GLY A 197 -32.11 8.92 -8.77
C GLY A 197 -31.84 9.19 -7.30
N GLU A 198 -31.35 8.17 -6.57
CA GLU A 198 -31.15 8.27 -5.14
C GLU A 198 -30.06 9.28 -4.79
N MET A 199 -28.94 9.25 -5.52
CA MET A 199 -27.82 10.09 -5.14
C MET A 199 -28.09 11.56 -5.44
N GLU A 200 -28.91 11.85 -6.46
CA GLU A 200 -29.30 13.24 -6.72
C GLU A 200 -30.05 13.82 -5.51
N ARG A 201 -31.00 13.05 -4.97
CA ARG A 201 -31.77 13.43 -3.76
C ARG A 201 -30.79 13.62 -2.57
N ILE A 202 -29.87 12.67 -2.38
CA ILE A 202 -28.98 12.64 -1.20
C ILE A 202 -27.92 13.75 -1.25
N GLU A 203 -27.36 14.02 -2.43
CA GLU A 203 -26.32 15.03 -2.54
C GLU A 203 -26.93 16.43 -2.72
N GLY A 204 -28.15 16.50 -3.27
CA GLY A 204 -28.76 17.79 -3.65
C GLY A 204 -30.27 17.68 -3.81
N LEU A 223 -22.57 18.05 -7.25
CA LEU A 223 -22.96 16.65 -6.96
C LEU A 223 -21.86 15.71 -7.44
N PRO A 224 -20.76 15.58 -6.65
CA PRO A 224 -19.60 14.77 -7.04
C PRO A 224 -19.92 13.33 -7.47
N PHE A 225 -20.70 12.61 -6.65
CA PHE A 225 -20.99 11.20 -6.93
C PHE A 225 -21.92 11.05 -8.13
N CYS A 226 -22.89 11.96 -8.28
CA CYS A 226 -23.79 11.91 -9.42
C CYS A 226 -23.00 12.14 -10.71
N SER A 227 -22.05 13.08 -10.66
CA SER A 227 -21.22 13.43 -11.80
CA SER A 227 -21.22 13.43 -11.80
C SER A 227 -20.44 12.19 -12.28
N ARG A 228 -19.90 11.44 -11.33
CA ARG A 228 -19.12 10.28 -11.69
C ARG A 228 -20.04 9.17 -12.19
N LEU A 229 -21.23 9.03 -11.59
CA LEU A 229 -22.22 8.05 -12.07
C LEU A 229 -22.61 8.36 -13.51
N LYS A 230 -22.68 9.64 -13.89
CA LYS A 230 -23.05 10.03 -15.25
C LYS A 230 -21.90 9.65 -16.22
N LYS A 231 -20.65 9.83 -15.77
CA LYS A 231 -19.45 9.45 -16.52
C LYS A 231 -19.44 7.93 -16.76
N ILE A 232 -19.83 7.16 -15.74
CA ILE A 232 -19.92 5.72 -15.86
C ILE A 232 -20.88 5.36 -16.99
N LYS A 233 -22.03 6.04 -17.04
CA LYS A 233 -23.04 5.82 -18.07
C LYS A 233 -22.41 6.04 -19.45
N GLU A 234 -21.69 7.17 -19.59
CA GLU A 234 -21.00 7.53 -20.82
C GLU A 234 -20.06 6.41 -21.25
N PHE A 235 -19.16 6.01 -20.34
CA PHE A 235 -18.15 4.98 -20.60
C PHE A 235 -18.78 3.66 -21.06
N LEU A 236 -19.85 3.26 -20.39
CA LEU A 236 -20.56 2.03 -20.67
C LEU A 236 -21.26 2.08 -22.05
N ALA A 237 -21.52 3.28 -22.57
CA ALA A 237 -22.10 3.45 -23.93
C ALA A 237 -21.03 3.36 -25.02
N SER A 238 -19.75 3.44 -24.64
CA SER A 238 -18.63 3.27 -25.56
C SER A 238 -18.07 1.85 -25.43
N SER A 239 -17.28 1.43 -26.43
CA SER A 239 -16.62 0.13 -26.38
C SER A 239 -15.10 0.32 -26.29
N ASN A 240 -14.42 -0.64 -25.64
CA ASN A 240 -12.95 -0.72 -25.63
C ASN A 240 -12.37 0.55 -25.00
N VAL A 241 -12.99 0.99 -23.91
CA VAL A 241 -12.51 2.13 -23.17
C VAL A 241 -11.19 1.73 -22.54
N PRO A 242 -10.08 2.46 -22.82
CA PRO A 242 -8.80 2.17 -22.19
C PRO A 242 -8.89 2.33 -20.67
N LYS A 243 -8.09 1.57 -19.94
CA LYS A 243 -8.08 1.62 -18.51
C LYS A 243 -7.57 2.98 -18.05
N ALA A 244 -6.68 3.61 -18.82
CA ALA A 244 -6.17 4.95 -18.57
C ALA A 244 -7.33 5.95 -18.40
N ASP A 245 -8.35 5.85 -19.27
CA ASP A 245 -9.53 6.75 -19.21
C ASP A 245 -10.35 6.49 -17.94
N ILE A 246 -10.55 5.22 -17.61
CA ILE A 246 -11.26 4.88 -16.40
C ILE A 246 -10.51 5.46 -15.21
N VAL A 247 -9.18 5.27 -15.13
CA VAL A 247 -8.40 5.71 -13.96
C VAL A 247 -8.40 7.24 -13.91
N ASP A 248 -8.30 7.89 -15.07
CA ASP A 248 -8.19 9.35 -15.13
C ASP A 248 -9.49 9.98 -14.64
N GLU A 249 -10.61 9.44 -15.10
CA GLU A 249 -11.92 10.07 -14.92
C GLU A 249 -12.58 9.60 -13.63
N LEU A 250 -12.41 8.31 -13.27
CA LEU A 250 -13.09 7.77 -12.09
C LEU A 250 -12.14 7.65 -10.90
N GLY A 251 -10.87 7.34 -11.17
CA GLY A 251 -9.85 7.21 -10.13
C GLY A 251 -9.66 5.75 -9.70
N HIS A 252 -8.60 5.51 -8.92
CA HIS A 252 -8.41 4.24 -8.30
C HIS A 252 -7.80 4.45 -6.90
N GLY A 253 -8.35 5.44 -6.17
CA GLY A 253 -7.69 6.03 -4.99
C GLY A 253 -8.31 5.60 -3.68
N ILE A 254 -7.70 6.05 -2.58
CA ILE A 254 -8.21 5.75 -1.22
C ILE A 254 -9.40 6.66 -0.93
N ALA A 255 -9.50 7.80 -1.61
CA ALA A 255 -10.68 8.65 -1.52
C ALA A 255 -11.94 7.89 -1.99
N ALA A 256 -13.02 8.00 -1.22
CA ALA A 256 -14.31 7.40 -1.60
C ALA A 256 -14.71 7.82 -3.02
N LEU A 257 -14.57 9.11 -3.34
CA LEU A 257 -14.99 9.63 -4.66
C LEU A 257 -14.21 8.93 -5.79
N GLU A 258 -12.98 8.49 -5.50
CA GLU A 258 -12.10 7.92 -6.52
C GLU A 258 -12.04 6.39 -6.45
N SER A 259 -12.98 5.77 -5.73
CA SER A 259 -13.01 4.32 -5.62
C SER A 259 -14.42 3.75 -5.73
N VAL A 260 -15.42 4.39 -5.10
CA VAL A 260 -16.75 3.77 -5.11
C VAL A 260 -17.31 3.76 -6.53
N PRO A 261 -17.40 4.89 -7.25
CA PRO A 261 -17.84 4.84 -8.64
C PRO A 261 -17.06 3.82 -9.48
N THR A 262 -15.75 3.71 -9.21
CA THR A 262 -14.87 2.83 -9.99
C THR A 262 -15.30 1.37 -9.79
N ALA A 263 -15.58 1.00 -8.54
CA ALA A 263 -16.09 -0.33 -8.19
C ALA A 263 -17.38 -0.62 -8.95
N ILE A 264 -18.25 0.40 -9.04
CA ILE A 264 -19.57 0.24 -9.64
C ILE A 264 -19.38 0.04 -11.14
N TYR A 265 -18.47 0.82 -11.73
CA TYR A 265 -18.17 0.65 -13.14
C TYR A 265 -17.62 -0.75 -13.43
N SER A 266 -16.73 -1.23 -12.56
CA SER A 266 -16.12 -2.55 -12.73
CA SER A 266 -16.12 -2.55 -12.73
C SER A 266 -17.23 -3.61 -12.77
N PHE A 267 -18.18 -3.52 -11.82
CA PHE A 267 -19.33 -4.44 -11.76
C PHE A 267 -20.12 -4.36 -13.07
N LEU A 268 -20.48 -3.14 -13.50
CA LEU A 268 -21.37 -2.97 -14.64
C LEU A 268 -20.65 -3.42 -15.93
N HIS A 269 -19.37 -3.07 -16.08
CA HIS A 269 -18.58 -3.42 -17.28
C HIS A 269 -18.53 -4.95 -17.46
N CYS A 270 -18.31 -5.68 -16.36
CA CYS A 270 -18.09 -7.13 -16.35
C CYS A 270 -19.39 -7.96 -16.34
N MET A 271 -20.55 -7.30 -16.48
CA MET A 271 -21.84 -7.95 -16.90
C MET A 271 -21.76 -8.46 -18.35
N GLU A 272 -20.79 -7.97 -19.13
CA GLU A 272 -20.51 -8.42 -20.51
C GLU A 272 -19.06 -8.87 -20.63
N SER A 273 -18.75 -9.59 -21.72
CA SER A 273 -17.39 -10.06 -22.01
C SER A 273 -16.42 -8.88 -22.04
N ASP A 274 -15.27 -9.04 -21.39
CA ASP A 274 -14.14 -8.17 -21.64
C ASP A 274 -13.19 -8.94 -22.54
N PRO A 275 -12.78 -8.41 -23.71
CA PRO A 275 -11.99 -9.20 -24.66
C PRO A 275 -10.63 -9.69 -24.10
N ASP A 276 -10.14 -9.05 -23.03
CA ASP A 276 -8.85 -9.37 -22.41
C ASP A 276 -8.97 -10.43 -21.29
N ILE A 277 -10.19 -10.78 -20.88
CA ILE A 277 -10.38 -11.80 -19.84
C ILE A 277 -11.01 -13.04 -20.45
N PRO A 278 -10.36 -14.22 -20.38
CA PRO A 278 -10.97 -15.44 -20.92
C PRO A 278 -12.41 -15.64 -20.41
N ASP A 279 -13.30 -16.03 -21.32
CA ASP A 279 -14.69 -16.22 -21.00
C ASP A 279 -14.87 -17.50 -20.18
N LEU A 280 -13.80 -18.26 -19.90
CA LEU A 280 -13.97 -19.36 -18.95
C LEU A 280 -14.01 -18.84 -17.49
N TYR A 281 -13.66 -17.57 -17.24
CA TYR A 281 -13.90 -16.95 -15.96
C TYR A 281 -15.35 -16.43 -15.97
N ASN A 282 -16.10 -16.74 -14.90
CA ASN A 282 -17.51 -16.34 -14.78
C ASN A 282 -17.55 -14.83 -14.50
N ASN A 283 -18.76 -14.25 -14.46
CA ASN A 283 -18.96 -12.80 -14.32
C ASN A 283 -18.36 -12.25 -13.03
N LEU A 284 -18.55 -12.96 -11.92
CA LEU A 284 -17.99 -12.50 -10.66
C LEU A 284 -16.46 -12.54 -10.69
N GLN A 285 -15.88 -13.64 -11.20
CA GLN A 285 -14.40 -13.79 -11.37
C GLN A 285 -13.86 -12.63 -12.23
N ARG A 286 -14.55 -12.37 -13.34
CA ARG A 286 -14.23 -11.33 -14.30
C ARG A 286 -14.19 -9.98 -13.59
N THR A 287 -15.22 -9.72 -12.78
CA THR A 287 -15.38 -8.49 -12.07
C THR A 287 -14.18 -8.26 -11.16
N ILE A 288 -13.79 -9.31 -10.42
CA ILE A 288 -12.67 -9.19 -9.49
C ILE A 288 -11.35 -9.01 -10.26
N ILE A 289 -11.13 -9.83 -11.28
CA ILE A 289 -9.93 -9.73 -12.13
C ILE A 289 -9.82 -8.30 -12.71
N TYR A 290 -10.92 -7.78 -13.29
CA TYR A 290 -10.91 -6.46 -13.91
C TYR A 290 -10.62 -5.39 -12.88
N SER A 291 -11.29 -5.45 -11.71
CA SER A 291 -11.14 -4.48 -10.62
C SER A 291 -9.68 -4.30 -10.23
N ILE A 292 -9.04 -5.43 -9.91
CA ILE A 292 -7.63 -5.46 -9.51
C ILE A 292 -6.77 -4.86 -10.61
N SER A 293 -7.10 -5.17 -11.87
CA SER A 293 -6.33 -4.70 -13.01
C SER A 293 -6.31 -3.16 -13.09
N LEU A 294 -7.25 -2.46 -12.44
CA LEU A 294 -7.28 -1.00 -12.49
C LEU A 294 -6.18 -0.40 -11.58
N GLY A 295 -5.66 -1.19 -10.63
CA GLY A 295 -4.58 -0.72 -9.75
C GLY A 295 -5.07 0.20 -8.63
N GLY A 296 -4.10 0.88 -8.01
CA GLY A 296 -4.31 1.75 -6.86
C GLY A 296 -4.75 0.95 -5.64
N ASP A 297 -5.88 1.36 -5.06
CA ASP A 297 -6.43 0.77 -3.86
C ASP A 297 -7.21 -0.49 -4.28
N THR A 298 -6.43 -1.50 -4.67
CA THR A 298 -6.93 -2.66 -5.32
C THR A 298 -7.82 -3.44 -4.36
N ASP A 299 -7.45 -3.50 -3.06
CA ASP A 299 -8.23 -4.35 -2.14
CA ASP A 299 -8.19 -4.26 -2.03
C ASP A 299 -9.64 -3.77 -1.96
N THR A 300 -9.79 -2.44 -1.92
CA THR A 300 -11.06 -1.81 -1.61
C THR A 300 -11.93 -1.76 -2.88
N ILE A 301 -11.34 -1.39 -4.02
CA ILE A 301 -12.11 -1.35 -5.23
C ILE A 301 -12.61 -2.77 -5.53
N ALA A 302 -11.74 -3.80 -5.40
CA ALA A 302 -12.16 -5.18 -5.66
C ALA A 302 -13.15 -5.67 -4.58
N THR A 303 -12.96 -5.33 -3.30
CA THR A 303 -13.90 -5.79 -2.26
C THR A 303 -15.30 -5.20 -2.52
N MET A 304 -15.37 -3.98 -3.02
CA MET A 304 -16.61 -3.29 -3.25
C MET A 304 -17.28 -3.85 -4.52
N ALA A 305 -16.54 -3.92 -5.64
CA ALA A 305 -17.08 -4.49 -6.86
C ALA A 305 -17.47 -5.95 -6.62
N GLY A 306 -16.67 -6.70 -5.84
CA GLY A 306 -16.96 -8.10 -5.52
C GLY A 306 -18.23 -8.31 -4.69
N ALA A 307 -18.50 -7.40 -3.75
CA ALA A 307 -19.74 -7.41 -2.95
C ALA A 307 -20.95 -7.18 -3.87
N ILE A 308 -20.82 -6.26 -4.82
CA ILE A 308 -21.94 -6.00 -5.67
C ILE A 308 -22.19 -7.22 -6.57
N ALA A 309 -21.09 -7.71 -7.20
CA ALA A 309 -21.20 -8.85 -8.09
C ALA A 309 -21.72 -10.07 -7.34
N GLY A 310 -21.24 -10.27 -6.12
CA GLY A 310 -21.73 -11.38 -5.31
C GLY A 310 -23.24 -11.35 -5.05
N ALA A 311 -23.71 -10.15 -4.73
CA ALA A 311 -25.14 -9.92 -4.46
C ALA A 311 -25.96 -10.22 -5.73
N TYR A 312 -25.39 -9.85 -6.89
CA TYR A 312 -26.07 -9.98 -8.16
C TYR A 312 -26.07 -11.44 -8.65
N TYR A 313 -24.90 -12.07 -8.72
CA TYR A 313 -24.77 -13.39 -9.38
C TYR A 313 -24.98 -14.53 -8.39
N GLY A 314 -24.66 -14.24 -7.14
CA GLY A 314 -24.80 -15.19 -6.05
C GLY A 314 -23.64 -16.17 -5.94
N MET A 315 -23.75 -17.03 -4.93
CA MET A 315 -22.70 -17.93 -4.48
C MET A 315 -22.32 -18.95 -5.57
N ASP A 316 -23.22 -19.23 -6.52
CA ASP A 316 -22.95 -20.14 -7.62
C ASP A 316 -21.69 -19.73 -8.39
N GLN A 317 -21.32 -18.45 -8.37
CA GLN A 317 -20.18 -17.95 -9.08
C GLN A 317 -18.94 -17.80 -8.17
N VAL A 318 -19.08 -18.10 -6.88
CA VAL A 318 -17.95 -18.13 -5.97
C VAL A 318 -17.42 -19.58 -6.01
N THR A 319 -16.36 -19.80 -6.78
CA THR A 319 -15.89 -21.13 -7.05
C THR A 319 -15.10 -21.66 -5.85
N PRO A 320 -15.21 -22.97 -5.57
CA PRO A 320 -14.45 -23.59 -4.48
C PRO A 320 -12.95 -23.30 -4.51
N SER A 321 -12.32 -23.39 -5.70
CA SER A 321 -10.91 -23.15 -5.85
C SER A 321 -10.60 -21.71 -5.42
N TRP A 322 -11.45 -20.75 -5.76
CA TRP A 322 -11.14 -19.39 -5.36
C TRP A 322 -11.34 -19.16 -3.87
N LYS A 323 -12.49 -19.59 -3.31
CA LYS A 323 -12.83 -19.15 -1.94
C LYS A 323 -11.89 -19.80 -0.92
N ARG A 324 -11.43 -21.03 -1.22
CA ARG A 324 -10.61 -21.79 -0.28
C ARG A 324 -9.29 -21.07 -0.01
N SER A 325 -8.90 -20.14 -0.88
CA SER A 325 -7.61 -19.43 -0.74
C SER A 325 -7.69 -18.30 0.31
N CYS A 326 -8.90 -17.92 0.72
CA CYS A 326 -9.08 -16.79 1.59
C CYS A 326 -9.10 -17.17 3.07
N GLU A 327 -8.31 -16.43 3.86
CA GLU A 327 -8.44 -16.40 5.28
C GLU A 327 -9.92 -16.14 5.67
N ALA A 328 -10.43 -16.93 6.62
CA ALA A 328 -11.73 -16.71 7.29
C ALA A 328 -12.90 -16.99 6.33
N ILE A 329 -12.69 -17.81 5.29
CA ILE A 329 -13.78 -18.14 4.36
C ILE A 329 -14.89 -18.84 5.14
N VAL A 330 -14.56 -19.79 6.01
CA VAL A 330 -15.58 -20.54 6.75
C VAL A 330 -16.43 -19.61 7.65
N GLU A 331 -15.76 -18.77 8.43
CA GLU A 331 -16.42 -17.80 9.30
C GLU A 331 -17.28 -16.84 8.46
N THR A 332 -16.80 -16.49 7.27
CA THR A 332 -17.50 -15.60 6.38
C THR A 332 -18.81 -16.25 5.93
N GLU A 333 -18.74 -17.51 5.49
CA GLU A 333 -19.92 -18.27 5.06
C GLU A 333 -20.93 -18.37 6.22
N GLU A 334 -20.44 -18.65 7.40
CA GLU A 334 -21.25 -18.77 8.60
C GLU A 334 -21.97 -17.45 8.88
N SER A 335 -21.23 -16.34 8.77
CA SER A 335 -21.80 -15.02 9.02
C SER A 335 -22.82 -14.67 7.92
N ALA A 336 -22.68 -15.21 6.72
CA ALA A 336 -23.66 -14.96 5.66
C ALA A 336 -25.02 -15.60 6.02
N VAL A 337 -24.99 -16.81 6.56
CA VAL A 337 -26.18 -17.48 6.97
C VAL A 337 -26.86 -16.62 8.05
N LYS A 338 -26.07 -16.10 9.00
CA LYS A 338 -26.65 -15.31 10.11
C LYS A 338 -27.26 -14.01 9.57
N LEU A 339 -26.59 -13.36 8.61
CA LEU A 339 -27.08 -12.15 8.02
C LEU A 339 -28.37 -12.43 7.26
N TYR A 340 -28.42 -13.55 6.55
CA TYR A 340 -29.61 -13.92 5.80
C TYR A 340 -30.81 -14.07 6.76
N GLU A 341 -30.59 -14.67 7.93
CA GLU A 341 -31.68 -14.87 8.86
C GLU A 341 -32.16 -13.51 9.40
N LEU A 342 -31.23 -12.56 9.60
CA LEU A 342 -31.56 -11.18 10.05
C LEU A 342 -32.46 -10.50 9.00
N TYR A 343 -32.06 -10.59 7.73
CA TYR A 343 -32.77 -10.08 6.61
C TYR A 343 -34.18 -10.65 6.56
N CYS A 344 -34.29 -11.98 6.64
CA CYS A 344 -35.58 -12.67 6.59
C CYS A 344 -36.48 -12.20 7.73
N LYS A 345 -35.90 -12.01 8.92
CA LYS A 345 -36.63 -11.59 10.13
C LYS A 345 -37.24 -10.19 9.90
N GLN A 346 -36.48 -9.29 9.24
CA GLN A 346 -36.87 -7.93 8.93
C GLN A 346 -38.05 -7.90 7.96
N LEU A 347 -38.23 -8.90 7.09
CA LEU A 347 -39.41 -8.85 6.20
C LEU A 347 -40.72 -8.79 7.00
N MET B 3 37.20 9.85 9.28
CA MET B 3 36.84 8.40 9.26
C MET B 3 35.46 8.19 9.91
N VAL B 4 34.84 7.08 9.52
CA VAL B 4 33.44 6.82 9.71
C VAL B 4 33.20 6.47 11.18
N SER B 5 32.15 7.07 11.73
CA SER B 5 31.85 6.98 13.14
C SER B 5 30.65 6.06 13.33
N LEU B 6 30.49 5.56 14.55
CA LEU B 6 29.32 4.76 14.87
C LEU B 6 28.03 5.60 14.72
N ALA B 7 28.09 6.89 15.05
CA ALA B 7 27.00 7.83 14.85
C ALA B 7 26.52 7.81 13.39
N GLN B 8 27.44 7.64 12.45
CA GLN B 8 27.08 7.62 11.03
C GLN B 8 26.37 6.34 10.60
N VAL B 9 26.85 5.20 11.09
CA VAL B 9 26.27 3.93 10.73
C VAL B 9 24.88 3.82 11.38
N ARG B 10 24.79 4.22 12.65
CA ARG B 10 23.54 4.15 13.38
C ARG B 10 22.56 5.16 12.76
N GLY B 11 23.05 6.34 12.42
CA GLY B 11 22.33 7.36 11.70
C GLY B 11 21.69 6.80 10.44
N ALA B 12 22.47 6.05 9.65
CA ALA B 12 22.01 5.51 8.37
C ALA B 12 20.82 4.56 8.60
N LEU B 13 21.00 3.60 9.51
CA LEU B 13 20.00 2.61 9.78
C LEU B 13 18.72 3.28 10.33
N CYS B 14 18.85 4.20 11.28
CA CYS B 14 17.68 4.85 11.93
C CYS B 14 16.98 5.75 10.91
N GLY B 15 17.79 6.39 10.07
CA GLY B 15 17.26 7.18 8.98
C GLY B 15 16.38 6.33 8.05
N ALA B 16 16.89 5.14 7.72
CA ALA B 16 16.18 4.19 6.86
C ALA B 16 14.90 3.73 7.55
N LEU B 17 14.99 3.42 8.86
CA LEU B 17 13.82 2.96 9.58
C LEU B 17 12.73 4.05 9.63
N LEU B 18 13.14 5.30 9.96
CA LEU B 18 12.23 6.40 10.03
C LEU B 18 11.54 6.58 8.68
N GLY B 19 12.33 6.53 7.61
CA GLY B 19 11.81 6.72 6.29
C GLY B 19 10.73 5.69 5.94
N ASP B 20 10.99 4.42 6.26
CA ASP B 20 10.05 3.35 6.02
C ASP B 20 8.78 3.55 6.89
N CYS B 21 8.95 3.66 8.21
CA CYS B 21 7.81 3.77 9.17
C CYS B 21 6.93 5.01 8.89
N MET B 22 7.55 6.16 8.63
CA MET B 22 6.82 7.39 8.41
C MET B 22 6.28 7.44 6.98
N GLY B 23 7.10 7.03 6.02
CA GLY B 23 6.69 6.95 4.64
C GLY B 23 5.47 6.06 4.46
N ALA B 24 5.37 4.98 5.26
CA ALA B 24 4.35 3.96 5.06
C ALA B 24 2.97 4.59 5.21
N GLU B 25 2.87 5.60 6.07
CA GLU B 25 1.63 6.30 6.42
C GLU B 25 1.01 7.05 5.23
N PHE B 26 1.72 7.18 4.10
CA PHE B 26 1.25 7.89 2.93
C PHE B 26 1.32 7.03 1.65
N GLU B 27 1.58 5.71 1.75
CA GLU B 27 1.96 4.86 0.58
CA GLU B 27 2.00 4.94 0.56
C GLU B 27 0.89 4.89 -0.51
N GLY B 28 1.34 5.02 -1.77
CA GLY B 28 0.50 4.89 -2.97
C GLY B 28 -0.39 6.09 -3.25
N SER B 29 -0.05 7.27 -2.72
CA SER B 29 -0.84 8.47 -3.08
C SER B 29 -0.09 9.33 -4.10
N ASP B 30 -0.73 9.55 -5.25
CA ASP B 30 -0.23 10.49 -6.26
C ASP B 30 -0.20 11.89 -5.62
N ALA B 31 -1.29 12.23 -4.92
CA ALA B 31 -1.39 13.45 -4.12
C ALA B 31 -1.02 13.13 -2.65
N VAL B 32 0.21 13.48 -2.28
CA VAL B 32 0.56 13.79 -0.91
C VAL B 32 0.91 15.26 -0.93
N GLU B 33 0.48 15.96 0.11
CA GLU B 33 0.71 17.38 0.14
C GLU B 33 1.35 17.72 1.47
N LEU B 34 2.34 18.59 1.41
CA LEU B 34 3.25 18.85 2.51
C LEU B 34 2.45 19.18 3.78
N PRO B 35 1.35 19.95 3.75
CA PRO B 35 0.58 20.19 4.97
C PRO B 35 0.22 18.92 5.76
N ASP B 36 -0.14 17.83 5.06
CA ASP B 36 -0.49 16.56 5.70
C ASP B 36 0.75 15.96 6.38
N VAL B 37 1.92 16.08 5.73
CA VAL B 37 3.14 15.51 6.31
C VAL B 37 3.50 16.27 7.58
N LEU B 38 3.42 17.60 7.54
CA LEU B 38 3.74 18.43 8.69
C LEU B 38 2.78 18.15 9.83
N GLU B 39 1.48 17.99 9.54
CA GLU B 39 0.44 17.71 10.54
CA GLU B 39 0.50 17.74 10.58
C GLU B 39 0.79 16.36 11.19
N PHE B 40 1.13 15.38 10.34
CA PHE B 40 1.44 14.05 10.80
C PHE B 40 2.64 14.09 11.77
N VAL B 41 3.72 14.77 11.36
CA VAL B 41 4.95 14.89 12.15
C VAL B 41 4.64 15.57 13.51
N ARG B 42 3.85 16.65 13.51
CA ARG B 42 3.51 17.34 14.80
C ARG B 42 2.78 16.35 15.74
N LEU B 43 1.89 15.52 15.18
CA LEU B 43 1.14 14.52 15.97
C LEU B 43 2.10 13.44 16.45
N LEU B 44 3.05 13.07 15.61
CA LEU B 44 4.06 12.10 15.99
C LEU B 44 4.85 12.57 17.22
N GLU B 45 5.21 13.86 17.25
CA GLU B 45 6.11 14.42 18.24
C GLU B 45 5.44 14.58 19.61
N LYS B 46 4.14 14.26 19.74
CA LYS B 46 3.48 14.30 21.06
C LYS B 46 2.74 12.99 21.38
N GLU B 47 2.95 11.93 20.58
CA GLU B 47 2.34 10.60 20.86
C GLU B 47 2.92 10.05 22.17
N LYS B 48 2.04 9.70 23.11
CA LYS B 48 2.42 9.16 24.41
C LYS B 48 3.02 7.76 24.28
N LYS B 49 2.38 6.85 23.52
CA LYS B 49 2.93 5.46 23.33
C LYS B 49 4.08 5.49 22.32
N ALA B 50 5.14 4.73 22.62
CA ALA B 50 6.25 4.51 21.71
C ALA B 50 5.88 3.36 20.76
N GLY B 51 6.63 3.23 19.66
CA GLY B 51 6.51 2.11 18.71
C GLY B 51 5.16 1.97 18.02
N THR B 52 4.44 3.08 17.75
CA THR B 52 3.14 3.00 17.10
C THR B 52 3.27 2.81 15.58
N LEU B 53 4.43 3.16 14.99
CA LEU B 53 4.56 3.05 13.55
C LEU B 53 5.27 1.73 13.18
N PHE B 54 4.61 0.88 12.41
CA PHE B 54 5.09 -0.44 12.00
C PHE B 54 5.91 -0.33 10.72
N TYR B 55 6.95 -1.17 10.60
CA TYR B 55 7.78 -1.09 9.43
C TYR B 55 7.20 -2.02 8.36
N THR B 56 7.78 -1.94 7.14
CA THR B 56 7.23 -2.66 6.02
C THR B 56 8.32 -3.62 5.49
N ASP B 57 8.11 -4.07 4.25
CA ASP B 57 9.01 -4.98 3.55
C ASP B 57 10.41 -4.35 3.48
N ASP B 58 10.48 -3.03 3.38
CA ASP B 58 11.73 -2.27 3.30
C ASP B 58 12.66 -2.62 4.48
N THR B 59 12.12 -2.49 5.71
CA THR B 59 12.89 -2.73 6.90
C THR B 59 13.05 -4.24 7.11
N ALA B 60 12.01 -5.04 6.82
CA ALA B 60 12.08 -6.48 7.03
C ALA B 60 13.29 -7.07 6.27
N MET B 61 13.45 -6.65 5.02
CA MET B 61 14.52 -7.16 4.17
C MET B 61 15.87 -6.57 4.60
N THR B 62 15.87 -5.31 5.05
CA THR B 62 17.04 -4.64 5.62
C THR B 62 17.56 -5.43 6.82
N ARG B 63 16.66 -5.88 7.71
CA ARG B 63 17.10 -6.61 8.89
C ARG B 63 17.68 -7.98 8.47
N ALA B 64 17.12 -8.60 7.42
CA ALA B 64 17.67 -9.88 6.95
C ALA B 64 19.07 -9.66 6.35
N VAL B 65 19.26 -8.61 5.54
CA VAL B 65 20.60 -8.28 4.98
C VAL B 65 21.60 -8.21 6.15
N ILE B 66 21.25 -7.42 7.18
CA ILE B 66 22.12 -7.18 8.30
C ILE B 66 22.46 -8.51 9.00
N GLN B 67 21.45 -9.33 9.23
CA GLN B 67 21.57 -10.61 9.89
C GLN B 67 22.60 -11.48 9.15
N SER B 68 22.53 -11.43 7.82
CA SER B 68 23.37 -12.21 6.93
C SER B 68 24.82 -11.70 7.02
N LEU B 69 25.00 -10.39 6.92
CA LEU B 69 26.35 -9.78 7.00
C LEU B 69 27.01 -10.11 8.34
N ILE B 70 26.25 -10.12 9.43
CA ILE B 70 26.86 -10.32 10.73
C ILE B 70 27.23 -11.79 10.88
N ALA B 71 26.36 -12.67 10.39
CA ALA B 71 26.61 -14.09 10.46
C ALA B 71 27.74 -14.51 9.52
N LYS B 72 27.80 -13.91 8.33
CA LYS B 72 28.75 -14.27 7.26
C LYS B 72 29.37 -12.98 6.72
N PRO B 73 30.32 -12.38 7.47
CA PRO B 73 30.88 -11.08 7.12
C PRO B 73 31.60 -11.00 5.75
N ASP B 74 32.02 -12.13 5.21
CA ASP B 74 32.66 -12.17 3.88
C ASP B 74 31.64 -12.10 2.74
N PHE B 75 30.34 -12.13 3.09
CA PHE B 75 29.20 -12.09 2.16
C PHE B 75 28.91 -13.50 1.63
N ASP B 76 27.81 -14.08 2.12
CA ASP B 76 27.36 -15.38 1.74
C ASP B 76 25.92 -15.27 1.20
N GLU B 77 25.81 -15.29 -0.13
CA GLU B 77 24.57 -15.05 -0.85
C GLU B 77 23.56 -16.18 -0.63
N VAL B 78 24.05 -17.38 -0.35
CA VAL B 78 23.19 -18.51 -0.04
C VAL B 78 22.51 -18.24 1.32
N ASP B 79 23.30 -17.83 2.32
CA ASP B 79 22.81 -17.49 3.62
C ASP B 79 21.78 -16.33 3.50
N MET B 80 22.10 -15.32 2.68
CA MET B 80 21.25 -14.15 2.56
C MET B 80 19.91 -14.53 1.92
N ALA B 81 19.95 -15.35 0.86
CA ALA B 81 18.74 -15.82 0.16
C ALA B 81 17.81 -16.53 1.16
N LYS B 82 18.40 -17.41 1.97
CA LYS B 82 17.67 -18.18 2.94
CA LYS B 82 17.70 -18.19 2.97
C LYS B 82 16.97 -17.24 3.93
N ARG B 83 17.68 -16.19 4.38
CA ARG B 83 17.14 -15.28 5.36
C ARG B 83 15.98 -14.46 4.77
N PHE B 84 16.12 -13.99 3.52
CA PHE B 84 15.04 -13.33 2.80
C PHE B 84 13.82 -14.24 2.76
N ALA B 85 14.03 -15.50 2.40
CA ALA B 85 12.92 -16.41 2.20
C ALA B 85 12.26 -16.76 3.54
N GLU B 86 13.06 -16.96 4.61
CA GLU B 86 12.53 -17.32 5.93
CA GLU B 86 12.49 -17.32 5.92
C GLU B 86 11.81 -16.10 6.55
N GLU B 87 12.33 -14.88 6.29
CA GLU B 87 11.71 -13.64 6.80
C GLU B 87 10.31 -13.48 6.17
N TYR B 88 10.24 -13.66 4.85
CA TYR B 88 8.97 -13.61 4.16
C TYR B 88 7.98 -14.63 4.78
N LYS B 89 8.45 -15.86 4.97
CA LYS B 89 7.65 -16.91 5.45
C LYS B 89 7.08 -16.59 6.84
N LYS B 90 7.90 -16.01 7.71
CA LYS B 90 7.55 -15.67 9.07
C LYS B 90 6.56 -14.49 9.08
N GLU B 91 6.81 -13.48 8.24
CA GLU B 91 5.99 -12.28 8.28
C GLU B 91 5.56 -11.90 6.86
N PRO B 92 4.65 -12.68 6.23
CA PRO B 92 4.32 -12.47 4.83
C PRO B 92 3.54 -11.20 4.50
N THR B 93 2.93 -10.55 5.50
CA THR B 93 2.02 -9.43 5.19
C THR B 93 2.71 -8.08 5.43
N ARG B 94 4.04 -8.00 5.42
CA ARG B 94 4.74 -6.74 5.69
C ARG B 94 4.59 -5.74 4.52
N GLY B 95 4.14 -6.21 3.35
CA GLY B 95 3.84 -5.37 2.18
C GLY B 95 4.84 -5.56 1.04
N TYR B 96 5.17 -6.82 0.73
CA TYR B 96 6.09 -7.19 -0.32
C TYR B 96 5.47 -6.97 -1.70
N GLY B 97 6.33 -6.73 -2.70
CA GLY B 97 5.89 -6.71 -4.11
C GLY B 97 5.19 -7.99 -4.52
N ALA B 98 4.25 -7.88 -5.48
CA ALA B 98 3.48 -9.03 -5.93
C ALA B 98 4.36 -10.05 -6.64
N GLY B 99 5.38 -9.56 -7.36
CA GLY B 99 6.29 -10.41 -8.09
C GLY B 99 7.20 -11.19 -7.15
N VAL B 100 7.85 -10.46 -6.24
CA VAL B 100 8.98 -10.99 -5.47
C VAL B 100 8.53 -12.14 -4.56
N VAL B 101 7.24 -12.17 -4.24
CA VAL B 101 6.69 -13.25 -3.46
C VAL B 101 7.03 -14.62 -4.10
N GLN B 102 6.96 -14.68 -5.43
CA GLN B 102 7.22 -15.93 -6.18
C GLN B 102 8.69 -16.33 -6.06
N VAL B 103 9.60 -15.35 -5.97
CA VAL B 103 11.00 -15.66 -5.73
C VAL B 103 11.15 -16.33 -4.34
N PHE B 104 10.49 -15.78 -3.31
CA PHE B 104 10.58 -16.33 -1.95
C PHE B 104 10.06 -17.76 -1.90
N LYS B 105 8.95 -18.04 -2.59
CA LYS B 105 8.33 -19.35 -2.53
C LYS B 105 9.26 -20.37 -3.23
N LYS B 106 9.85 -19.96 -4.35
CA LYS B 106 10.77 -20.80 -5.11
C LYS B 106 12.01 -21.09 -4.26
N LEU B 107 12.57 -20.08 -3.58
CA LEU B 107 13.69 -20.27 -2.68
C LEU B 107 13.32 -21.18 -1.50
N LEU B 108 12.06 -21.18 -1.04
CA LEU B 108 11.63 -21.99 0.12
C LEU B 108 11.46 -23.46 -0.28
N SER B 109 11.24 -23.72 -1.58
CA SER B 109 11.09 -25.08 -2.06
C SER B 109 12.46 -25.75 -2.18
N PRO B 110 12.51 -27.10 -2.25
CA PRO B 110 13.77 -27.80 -2.49
C PRO B 110 14.16 -27.95 -3.97
N LYS B 111 13.58 -27.14 -4.87
CA LYS B 111 13.69 -27.35 -6.32
C LYS B 111 14.90 -26.61 -6.91
N TYR B 112 15.36 -25.54 -6.26
CA TYR B 112 16.37 -24.65 -6.79
C TYR B 112 17.66 -24.77 -5.96
N SER B 113 18.72 -25.29 -6.56
CA SER B 113 20.03 -25.28 -5.89
C SER B 113 20.71 -23.92 -6.11
N ASP B 114 20.40 -23.26 -7.23
CA ASP B 114 21.00 -21.98 -7.57
C ASP B 114 20.08 -20.84 -7.06
N VAL B 115 20.55 -20.09 -6.05
CA VAL B 115 19.73 -19.10 -5.34
C VAL B 115 19.41 -17.89 -6.24
N PHE B 116 20.10 -17.74 -7.38
CA PHE B 116 19.88 -16.60 -8.29
C PHE B 116 18.82 -16.95 -9.34
N GLN B 117 18.48 -18.24 -9.49
CA GLN B 117 17.67 -18.73 -10.60
C GLN B 117 16.22 -18.24 -10.47
N PRO B 118 15.56 -18.32 -9.29
CA PRO B 118 14.20 -17.77 -9.14
C PRO B 118 14.08 -16.34 -9.69
N ALA B 119 15.03 -15.47 -9.32
CA ALA B 119 14.99 -14.07 -9.78
C ALA B 119 15.14 -13.97 -11.30
N ARG B 120 15.95 -14.86 -11.91
CA ARG B 120 16.17 -14.79 -13.34
C ARG B 120 14.86 -15.12 -14.08
N GLU B 121 14.02 -15.96 -13.47
CA GLU B 121 12.78 -16.45 -14.09
C GLU B 121 11.66 -15.40 -14.03
N GLN B 122 11.83 -14.37 -13.17
CA GLN B 122 10.78 -13.36 -12.95
C GLN B 122 10.43 -12.63 -14.25
N PHE B 123 9.14 -12.30 -14.40
CA PHE B 123 8.61 -11.51 -15.52
C PHE B 123 9.14 -12.05 -16.86
N ASP B 124 8.79 -13.30 -17.17
CA ASP B 124 9.11 -13.96 -18.47
C ASP B 124 10.64 -14.01 -18.71
N GLY B 125 11.42 -14.12 -17.63
CA GLY B 125 12.88 -14.26 -17.72
C GLY B 125 13.62 -12.93 -17.86
N LYS B 126 12.91 -11.80 -17.79
CA LYS B 126 13.52 -10.46 -17.90
C LYS B 126 13.97 -9.94 -16.53
N GLY B 127 13.42 -10.51 -15.45
CA GLY B 127 13.77 -10.14 -14.10
C GLY B 127 13.03 -8.87 -13.67
N SER B 128 13.01 -8.62 -12.37
CA SER B 128 12.29 -7.48 -11.84
C SER B 128 13.16 -6.24 -11.94
N TYR B 129 12.53 -5.09 -12.30
CA TYR B 129 13.15 -3.78 -12.27
C TYR B 129 12.61 -2.94 -11.10
N GLY B 130 11.96 -3.59 -10.13
CA GLY B 130 11.50 -2.93 -8.90
C GLY B 130 12.63 -2.46 -7.99
N ASN B 131 12.26 -1.68 -6.97
CA ASN B 131 13.22 -1.00 -6.14
C ASN B 131 13.50 -1.82 -4.86
N GLY B 132 12.98 -3.05 -4.78
CA GLY B 132 13.17 -3.88 -3.62
C GLY B 132 14.66 -4.24 -3.37
N GLY B 133 15.46 -4.29 -4.44
CA GLY B 133 16.88 -4.49 -4.32
C GLY B 133 17.56 -3.32 -3.62
N ALA B 134 17.16 -2.11 -4.03
CA ALA B 134 17.71 -0.89 -3.52
C ALA B 134 17.22 -0.56 -2.10
N MET B 135 16.00 -0.93 -1.76
CA MET B 135 15.39 -0.44 -0.54
C MET B 135 16.12 -1.01 0.68
N ARG B 136 16.84 -2.14 0.49
CA ARG B 136 17.44 -2.92 1.57
C ARG B 136 18.99 -2.86 1.52
N VAL B 137 19.58 -2.09 0.62
CA VAL B 137 21.01 -2.27 0.25
C VAL B 137 21.94 -1.39 1.08
N ALA B 138 21.43 -0.31 1.70
CA ALA B 138 22.26 0.67 2.47
C ALA B 138 23.34 -0.06 3.31
N SER B 139 22.97 -1.15 3.98
CA SER B 139 23.86 -1.85 4.94
C SER B 139 25.13 -2.37 4.23
N ILE B 140 25.05 -2.61 2.93
CA ILE B 140 26.25 -3.09 2.17
C ILE B 140 27.34 -2.01 2.27
N ALA B 141 26.92 -0.74 2.10
CA ALA B 141 27.82 0.41 2.16
C ALA B 141 28.29 0.68 3.59
N LEU B 142 27.52 0.23 4.58
CA LEU B 142 27.88 0.42 5.99
C LEU B 142 28.81 -0.70 6.47
N ALA B 143 28.90 -1.80 5.74
CA ALA B 143 29.71 -2.95 6.17
C ALA B 143 31.06 -3.04 5.41
N TYR B 144 31.18 -2.42 4.23
CA TYR B 144 32.31 -2.61 3.31
C TYR B 144 32.85 -1.25 2.89
N PRO B 145 34.00 -0.82 3.45
CA PRO B 145 34.61 0.47 3.13
C PRO B 145 35.01 0.64 1.65
N ASN B 146 35.53 -0.44 1.05
CA ASN B 146 36.05 -0.43 -0.32
C ASN B 146 34.90 -0.40 -1.32
N ILE B 147 34.92 0.59 -2.22
CA ILE B 147 33.91 0.82 -3.21
C ILE B 147 33.72 -0.43 -4.09
N GLN B 148 34.79 -1.14 -4.38
CA GLN B 148 34.71 -2.28 -5.28
C GLN B 148 33.84 -3.38 -4.65
N ASP B 149 34.01 -3.57 -3.35
CA ASP B 149 33.17 -4.50 -2.60
C ASP B 149 31.71 -4.02 -2.57
N VAL B 150 31.49 -2.71 -2.36
CA VAL B 150 30.20 -2.12 -2.30
C VAL B 150 29.44 -2.42 -3.61
N ILE B 151 30.08 -2.15 -4.75
CA ILE B 151 29.46 -2.43 -6.04
C ILE B 151 29.12 -3.94 -6.15
N LYS B 152 30.10 -4.83 -5.96
CA LYS B 152 29.84 -6.25 -6.28
C LYS B 152 28.82 -6.84 -5.31
N PHE B 153 28.88 -6.48 -4.04
CA PHE B 153 27.94 -7.02 -3.03
C PHE B 153 26.55 -6.35 -3.13
N ALA B 154 26.49 -5.08 -3.51
CA ALA B 154 25.21 -4.48 -3.83
C ALA B 154 24.54 -5.29 -4.93
N ARG B 155 25.27 -5.53 -6.03
CA ARG B 155 24.76 -6.21 -7.19
C ARG B 155 24.25 -7.58 -6.78
N ARG B 156 25.10 -8.35 -6.08
CA ARG B 156 24.75 -9.74 -5.78
C ARG B 156 23.54 -9.80 -4.83
N SER B 157 23.53 -8.97 -3.78
CA SER B 157 22.43 -8.94 -2.83
C SER B 157 21.13 -8.63 -3.59
N ALA B 158 21.18 -7.70 -4.54
CA ALA B 158 20.03 -7.30 -5.34
C ALA B 158 19.56 -8.45 -6.26
N GLN B 159 20.53 -9.18 -6.85
CA GLN B 159 20.24 -10.19 -7.85
C GLN B 159 19.55 -11.43 -7.24
N LEU B 160 19.53 -11.56 -5.90
CA LEU B 160 18.69 -12.61 -5.25
C LEU B 160 17.19 -12.42 -5.54
N THR B 161 16.76 -11.18 -5.82
CA THR B 161 15.34 -10.91 -6.13
C THR B 161 15.19 -10.18 -7.47
N HIS B 162 16.22 -9.43 -7.89
CA HIS B 162 16.09 -8.49 -9.00
C HIS B 162 17.15 -8.78 -10.06
N ALA B 163 16.74 -9.52 -11.08
CA ALA B 163 17.65 -10.03 -12.12
C ALA B 163 17.79 -9.03 -13.27
N SER B 164 16.91 -8.03 -13.36
CA SER B 164 16.98 -7.03 -14.42
C SER B 164 18.10 -6.04 -14.13
N PRO B 165 18.94 -5.64 -15.11
CA PRO B 165 19.91 -4.56 -14.90
C PRO B 165 19.29 -3.31 -14.25
N LEU B 166 18.03 -2.96 -14.57
CA LEU B 166 17.46 -1.79 -13.90
C LEU B 166 17.34 -2.05 -12.39
N GLY B 167 16.92 -3.26 -12.02
CA GLY B 167 16.76 -3.58 -10.58
C GLY B 167 18.09 -3.56 -9.86
N TYR B 168 19.12 -4.24 -10.42
CA TYR B 168 20.33 -4.45 -9.64
C TYR B 168 21.24 -3.21 -9.75
N ASN B 169 21.22 -2.49 -10.89
CA ASN B 169 21.99 -1.24 -11.03
C ASN B 169 21.37 -0.14 -10.14
N GLY B 170 20.04 -0.17 -9.97
CA GLY B 170 19.39 0.71 -9.00
C GLY B 170 19.90 0.48 -7.57
N ALA B 171 20.06 -0.79 -7.20
CA ALA B 171 20.61 -1.16 -5.91
C ALA B 171 22.07 -0.66 -5.81
N ILE B 172 22.86 -0.82 -6.86
CA ILE B 172 24.29 -0.36 -6.82
C ILE B 172 24.31 1.17 -6.56
N LEU B 173 23.45 1.90 -7.27
CA LEU B 173 23.44 3.33 -7.18
C LEU B 173 23.09 3.78 -5.74
N GLN B 174 22.07 3.15 -5.14
CA GLN B 174 21.65 3.47 -3.76
C GLN B 174 22.78 3.13 -2.80
N ALA B 175 23.44 2.00 -3.00
CA ALA B 175 24.60 1.60 -2.14
C ALA B 175 25.72 2.63 -2.30
N LEU B 176 26.01 3.04 -3.55
CA LEU B 176 27.05 4.04 -3.77
C LEU B 176 26.67 5.39 -3.11
N ALA B 177 25.37 5.72 -3.09
CA ALA B 177 24.96 7.01 -2.51
C ALA B 177 25.24 6.99 -0.99
N VAL B 178 24.93 5.88 -0.34
CA VAL B 178 25.22 5.77 1.08
C VAL B 178 26.74 5.74 1.27
N HIS B 179 27.44 4.94 0.46
CA HIS B 179 28.93 4.92 0.48
C HIS B 179 29.50 6.34 0.51
N PHE B 180 29.18 7.16 -0.49
CA PHE B 180 29.78 8.48 -0.63
C PHE B 180 29.27 9.45 0.45
N ALA B 181 28.04 9.28 0.95
CA ALA B 181 27.51 10.10 2.07
C ALA B 181 28.31 9.83 3.36
N LEU B 182 28.83 8.61 3.50
CA LEU B 182 29.58 8.22 4.68
C LEU B 182 30.92 8.93 4.75
N GLN B 183 31.42 9.43 3.61
CA GLN B 183 32.81 9.94 3.47
C GLN B 183 32.93 11.44 3.73
N GLY B 184 32.53 11.92 4.90
CA GLY B 184 32.78 13.31 5.30
C GLY B 184 31.87 14.29 4.60
N GLU B 185 31.90 15.53 5.05
CA GLU B 185 31.14 16.65 4.49
C GLU B 185 31.53 16.79 3.02
N LEU B 186 31.03 15.87 2.20
CA LEU B 186 31.19 15.94 0.75
C LEU B 186 30.17 16.95 0.22
N LYS B 187 30.66 17.89 -0.59
CA LYS B 187 29.88 18.91 -1.28
C LYS B 187 29.00 18.25 -2.34
N ARG B 188 27.85 18.88 -2.60
CA ARG B 188 26.83 18.41 -3.51
C ARG B 188 27.41 18.07 -4.89
N ASP B 189 28.24 18.95 -5.44
CA ASP B 189 28.69 18.78 -6.84
C ASP B 189 29.63 17.56 -6.98
N THR B 190 30.50 17.35 -5.98
CA THR B 190 31.44 16.21 -5.97
C THR B 190 30.64 14.93 -5.83
N PHE B 191 29.70 14.91 -4.88
CA PHE B 191 28.85 13.75 -4.61
C PHE B 191 28.22 13.23 -5.91
N LEU B 192 27.62 14.13 -6.70
CA LEU B 192 26.97 13.72 -7.94
C LEU B 192 28.02 13.25 -8.96
N GLU B 193 29.10 14.00 -9.09
CA GLU B 193 30.19 13.63 -10.02
C GLU B 193 30.69 12.22 -9.67
N GLN B 194 30.88 11.91 -8.38
CA GLN B 194 31.25 10.58 -7.95
C GLN B 194 30.26 9.57 -8.53
N LEU B 195 28.96 9.78 -8.32
CA LEU B 195 27.92 8.81 -8.71
C LEU B 195 27.83 8.71 -10.24
N ILE B 196 27.90 9.84 -10.95
CA ILE B 196 27.82 9.83 -12.39
C ILE B 196 29.02 9.05 -12.95
N GLY B 197 30.22 9.39 -12.49
CA GLY B 197 31.44 8.67 -12.85
C GLY B 197 31.26 7.16 -12.76
N GLU B 198 30.83 6.66 -11.59
CA GLU B 198 30.71 5.23 -11.35
C GLU B 198 29.62 4.60 -12.23
N MET B 199 28.46 5.27 -12.35
CA MET B 199 27.36 4.66 -13.07
C MET B 199 27.62 4.65 -14.57
N GLU B 200 28.41 5.61 -15.10
CA GLU B 200 28.78 5.59 -16.52
C GLU B 200 29.59 4.32 -16.82
N ARG B 201 30.55 4.00 -15.95
CA ARG B 201 31.36 2.77 -16.07
C ARG B 201 30.43 1.53 -15.99
N ILE B 202 29.53 1.51 -15.00
CA ILE B 202 28.68 0.34 -14.72
C ILE B 202 27.61 0.12 -15.81
N GLU B 203 27.02 1.19 -16.32
CA GLU B 203 25.96 1.05 -17.32
C GLU B 203 26.54 0.96 -18.72
N GLY B 204 27.75 1.51 -18.93
CA GLY B 204 28.35 1.72 -20.27
C GLY B 204 29.67 1.01 -20.42
N LYS B 222 20.10 4.99 -23.14
CA LYS B 222 21.03 3.83 -23.12
C LYS B 222 21.69 3.71 -21.73
N LEU B 223 21.99 4.87 -21.12
CA LEU B 223 22.44 4.90 -19.71
C LEU B 223 21.32 5.53 -18.87
N PRO B 224 20.25 4.75 -18.57
CA PRO B 224 19.08 5.25 -17.85
C PRO B 224 19.39 5.98 -16.54
N PHE B 225 20.21 5.36 -15.66
CA PHE B 225 20.51 5.95 -14.35
C PHE B 225 21.40 7.19 -14.48
N CYS B 226 22.34 7.18 -15.43
CA CYS B 226 23.17 8.34 -15.63
C CYS B 226 22.31 9.50 -16.10
N SER B 227 21.38 9.23 -17.00
CA SER B 227 20.51 10.25 -17.59
CA SER B 227 20.53 10.27 -17.58
C SER B 227 19.73 10.94 -16.48
N ARG B 228 19.24 10.16 -15.52
CA ARG B 228 18.47 10.72 -14.43
C ARG B 228 19.39 11.51 -13.50
N LEU B 229 20.58 10.96 -13.22
CA LEU B 229 21.58 11.70 -12.40
C LEU B 229 21.97 13.02 -13.06
N LYS B 230 21.99 13.08 -14.39
CA LYS B 230 22.31 14.34 -15.11
C LYS B 230 21.15 15.35 -14.95
N LYS B 231 19.91 14.84 -14.98
CA LYS B 231 18.70 15.65 -14.73
C LYS B 231 18.75 16.23 -13.32
N ILE B 232 19.19 15.42 -12.34
CA ILE B 232 19.33 15.86 -10.97
C ILE B 232 20.28 17.04 -10.91
N LYS B 233 21.40 16.95 -11.63
CA LYS B 233 22.38 18.02 -11.70
C LYS B 233 21.71 19.30 -12.19
N GLU B 234 20.96 19.19 -13.30
CA GLU B 234 20.21 20.29 -13.91
C GLU B 234 19.28 20.92 -12.85
N PHE B 235 18.43 20.11 -12.22
CA PHE B 235 17.45 20.54 -11.22
C PHE B 235 18.12 21.30 -10.06
N LEU B 236 19.22 20.76 -9.54
CA LEU B 236 19.96 21.38 -8.43
C LEU B 236 20.56 22.74 -8.83
N ALA B 237 20.79 22.97 -10.13
CA ALA B 237 21.31 24.26 -10.61
C ALA B 237 20.18 25.30 -10.75
N SER B 238 18.92 24.87 -10.72
CA SER B 238 17.75 25.74 -10.78
C SER B 238 17.22 25.97 -9.36
N SER B 239 16.40 27.00 -9.19
CA SER B 239 15.74 27.26 -7.91
C SER B 239 14.21 27.13 -8.07
N ASN B 240 13.55 26.70 -7.00
CA ASN B 240 12.09 26.62 -6.92
C ASN B 240 11.56 25.69 -8.02
N VAL B 241 12.23 24.55 -8.19
CA VAL B 241 11.73 23.52 -9.07
C VAL B 241 10.44 22.99 -8.45
N PRO B 242 9.28 23.05 -9.15
CA PRO B 242 8.03 22.52 -8.61
C PRO B 242 8.15 21.01 -8.42
N LYS B 243 7.41 20.47 -7.46
CA LYS B 243 7.46 19.05 -7.18
C LYS B 243 6.95 18.27 -8.39
N ALA B 244 5.98 18.84 -9.11
CA ALA B 244 5.43 18.19 -10.31
C ALA B 244 6.56 17.88 -11.32
N ASP B 245 7.51 18.81 -11.49
CA ASP B 245 8.65 18.61 -12.43
C ASP B 245 9.59 17.50 -11.94
N ILE B 246 9.87 17.49 -10.63
CA ILE B 246 10.64 16.39 -10.04
C ILE B 246 9.94 15.06 -10.34
N VAL B 247 8.62 15.00 -10.09
CA VAL B 247 7.89 13.71 -10.22
C VAL B 247 7.86 13.32 -11.71
N ASP B 248 7.67 14.30 -12.59
CA ASP B 248 7.50 14.04 -14.01
C ASP B 248 8.80 13.49 -14.58
N GLU B 249 9.92 14.09 -14.19
CA GLU B 249 11.21 13.79 -14.81
C GLU B 249 11.93 12.65 -14.08
N LEU B 250 11.81 12.56 -12.74
CA LEU B 250 12.56 11.54 -11.97
C LEU B 250 11.66 10.38 -11.56
N GLY B 251 10.39 10.67 -11.28
CA GLY B 251 9.40 9.66 -10.91
C GLY B 251 9.25 9.56 -9.41
N HIS B 252 8.24 8.80 -8.98
CA HIS B 252 8.09 8.48 -7.59
C HIS B 252 7.51 7.07 -7.47
N GLY B 253 8.05 6.14 -8.26
CA GLY B 253 7.39 4.85 -8.49
C GLY B 253 8.07 3.69 -7.77
N ILE B 254 7.46 2.51 -7.91
CA ILE B 254 8.08 1.27 -7.41
C ILE B 254 9.29 0.86 -8.27
N ALA B 255 9.34 1.26 -9.53
CA ALA B 255 10.51 0.93 -10.39
C ALA B 255 11.76 1.61 -9.81
N ALA B 256 12.88 0.87 -9.75
CA ALA B 256 14.14 1.43 -9.26
C ALA B 256 14.50 2.71 -10.01
N LEU B 257 14.32 2.71 -11.34
CA LEU B 257 14.68 3.90 -12.15
C LEU B 257 13.88 5.13 -11.70
N GLU B 258 12.67 4.90 -11.16
CA GLU B 258 11.76 6.03 -10.85
C GLU B 258 11.73 6.30 -9.34
N SER B 259 12.67 5.74 -8.57
CA SER B 259 12.71 5.95 -7.14
C SER B 259 14.12 6.22 -6.61
N VAL B 260 15.14 5.50 -7.11
CA VAL B 260 16.45 5.67 -6.53
C VAL B 260 16.97 7.08 -6.84
N PRO B 261 17.01 7.55 -8.09
CA PRO B 261 17.45 8.92 -8.34
C PRO B 261 16.62 9.94 -7.55
N THR B 262 15.33 9.67 -7.38
CA THR B 262 14.44 10.57 -6.66
C THR B 262 14.87 10.72 -5.19
N ALA B 263 15.20 9.59 -4.56
CA ALA B 263 15.71 9.56 -3.19
C ALA B 263 17.01 10.37 -3.10
N ILE B 264 17.85 10.24 -4.13
CA ILE B 264 19.16 10.91 -4.15
C ILE B 264 18.92 12.41 -4.28
N TYR B 265 18.00 12.80 -5.16
CA TYR B 265 17.65 14.19 -5.32
C TYR B 265 17.12 14.78 -4.01
N SER B 266 16.27 14.01 -3.32
CA SER B 266 15.67 14.47 -2.06
CA SER B 266 15.67 14.44 -2.05
C SER B 266 16.79 14.79 -1.06
N PHE B 267 17.76 13.86 -0.93
CA PHE B 267 18.91 14.06 -0.04
C PHE B 267 19.67 15.34 -0.46
N LEU B 268 20.00 15.46 -1.76
CA LEU B 268 20.88 16.58 -2.21
C LEU B 268 20.14 17.93 -2.04
N HIS B 269 18.84 17.95 -2.38
CA HIS B 269 18.02 19.15 -2.29
C HIS B 269 17.97 19.68 -0.84
N CYS B 270 17.81 18.76 0.12
CA CYS B 270 17.57 19.05 1.53
C CYS B 270 18.86 19.28 2.34
N MET B 271 20.02 19.28 1.65
CA MET B 271 21.27 19.85 2.18
C MET B 271 21.16 21.36 2.40
N GLU B 272 20.20 22.02 1.74
CA GLU B 272 19.91 23.45 1.88
C GLU B 272 18.42 23.64 2.21
N SER B 273 18.06 24.85 2.62
CA SER B 273 16.71 25.20 3.01
C SER B 273 15.72 24.90 1.89
N ASP B 274 14.58 24.28 2.25
CA ASP B 274 13.43 24.26 1.39
C ASP B 274 12.45 25.31 1.88
N PRO B 275 12.00 26.28 1.06
CA PRO B 275 11.17 27.37 1.56
C PRO B 275 9.80 26.93 2.14
N ASP B 276 9.36 25.70 1.82
CA ASP B 276 8.06 25.14 2.30
C ASP B 276 8.21 24.38 3.62
N ILE B 277 9.42 24.06 4.03
CA ILE B 277 9.65 23.30 5.26
C ILE B 277 10.29 24.20 6.33
N PRO B 278 9.65 24.40 7.49
CA PRO B 278 10.21 25.27 8.51
C PRO B 278 11.66 24.88 8.85
N ASP B 279 12.46 25.91 9.08
CA ASP B 279 13.84 25.82 9.45
C ASP B 279 14.00 25.18 10.83
N LEU B 280 12.92 24.94 11.58
CA LEU B 280 13.15 24.31 12.87
C LEU B 280 13.28 22.79 12.74
N TYR B 281 13.02 22.24 11.55
CA TYR B 281 13.37 20.85 11.24
C TYR B 281 14.85 20.81 10.82
N ASN B 282 15.59 19.83 11.34
CA ASN B 282 17.00 19.63 10.93
C ASN B 282 17.01 19.04 9.51
N ASN B 283 18.22 18.93 8.92
CA ASN B 283 18.41 18.43 7.52
C ASN B 283 17.85 17.05 7.30
N LEU B 284 18.08 16.14 8.25
CA LEU B 284 17.57 14.80 8.11
C LEU B 284 16.03 14.77 8.16
N GLN B 285 15.45 15.48 9.10
CA GLN B 285 13.96 15.65 9.20
C GLN B 285 13.38 16.23 7.90
N ARG B 286 14.02 17.30 7.40
CA ARG B 286 13.67 17.98 6.16
C ARG B 286 13.69 16.96 5.01
N THR B 287 14.75 16.14 4.95
CA THR B 287 14.93 15.15 3.91
C THR B 287 13.76 14.16 3.92
N ILE B 288 13.41 13.68 5.11
CA ILE B 288 12.31 12.71 5.23
C ILE B 288 10.97 13.37 4.85
N ILE B 289 10.72 14.56 5.40
CA ILE B 289 9.48 15.30 5.11
C ILE B 289 9.38 15.55 3.59
N TYR B 290 10.48 16.06 2.96
CA TYR B 290 10.44 16.37 1.53
C TYR B 290 10.19 15.10 0.72
N SER B 291 10.90 14.01 1.04
CA SER B 291 10.76 12.69 0.36
C SER B 291 9.29 12.26 0.29
N ILE B 292 8.64 12.23 1.46
CA ILE B 292 7.23 11.83 1.59
C ILE B 292 6.35 12.77 0.77
N SER B 293 6.67 14.07 0.79
CA SER B 293 5.91 15.06 0.06
C SER B 293 5.91 14.80 -1.46
N LEU B 294 6.87 14.03 -1.98
CA LEU B 294 6.90 13.73 -3.43
C LEU B 294 5.82 12.69 -3.81
N GLY B 295 5.27 11.96 -2.83
CA GLY B 295 4.20 10.99 -3.10
C GLY B 295 4.75 9.70 -3.72
N GLY B 296 3.80 8.91 -4.24
CA GLY B 296 4.04 7.58 -4.80
C GLY B 296 4.52 6.61 -3.74
N ASP B 297 5.67 5.98 -4.01
CA ASP B 297 6.25 4.98 -3.15
C ASP B 297 7.01 5.69 -2.03
N THR B 298 6.23 6.28 -1.12
CA THR B 298 6.73 7.15 -0.12
C THR B 298 7.61 6.37 0.84
N ASP B 299 7.25 5.12 1.17
CA ASP B 299 8.06 4.37 2.18
CA ASP B 299 7.96 4.19 2.02
C ASP B 299 9.45 4.07 1.62
N THR B 300 9.59 3.73 0.32
CA THR B 300 10.87 3.33 -0.18
C THR B 300 11.71 4.55 -0.55
N ILE B 301 11.09 5.57 -1.15
CA ILE B 301 11.81 6.78 -1.46
C ILE B 301 12.33 7.38 -0.14
N ALA B 302 11.47 7.45 0.89
CA ALA B 302 11.89 8.02 2.18
C ALA B 302 12.92 7.11 2.89
N THR B 303 12.77 5.78 2.81
CA THR B 303 13.74 4.90 3.47
C THR B 303 15.12 5.07 2.84
N MET B 304 15.17 5.28 1.51
CA MET B 304 16.43 5.37 0.79
C MET B 304 17.04 6.75 1.04
N ALA B 305 16.25 7.84 0.88
CA ALA B 305 16.75 9.15 1.14
C ALA B 305 17.18 9.28 2.61
N GLY B 306 16.45 8.63 3.52
CA GLY B 306 16.77 8.67 4.96
C GLY B 306 18.07 7.94 5.29
N ALA B 307 18.34 6.82 4.61
CA ALA B 307 19.62 6.08 4.79
C ALA B 307 20.80 6.98 4.37
N ILE B 308 20.63 7.68 3.27
CA ILE B 308 21.71 8.51 2.80
C ILE B 308 21.92 9.66 3.78
N ALA B 309 20.83 10.37 4.10
CA ALA B 309 20.89 11.49 5.04
C ALA B 309 21.43 11.05 6.39
N GLY B 310 21.02 9.87 6.87
CA GLY B 310 21.49 9.35 8.15
C GLY B 310 23.00 9.13 8.16
N ALA B 311 23.49 8.57 7.05
CA ALA B 311 24.95 8.32 6.88
C ALA B 311 25.68 9.65 6.89
N TYR B 312 25.07 10.66 6.27
CA TYR B 312 25.72 11.96 6.10
C TYR B 312 25.71 12.77 7.40
N TYR B 313 24.53 12.93 8.00
CA TYR B 313 24.37 13.87 9.15
C TYR B 313 24.62 13.16 10.48
N GLY B 314 24.38 11.86 10.47
CA GLY B 314 24.57 10.98 11.62
C GLY B 314 23.41 11.05 12.61
N MET B 315 23.57 10.27 13.66
CA MET B 315 22.58 10.07 14.72
C MET B 315 22.15 11.39 15.41
N ASP B 316 23.02 12.40 15.41
CA ASP B 316 22.73 13.67 16.07
C ASP B 316 21.45 14.31 15.50
N GLN B 317 21.09 14.01 14.25
CA GLN B 317 19.90 14.53 13.65
C GLN B 317 18.74 13.52 13.67
N VAL B 318 18.90 12.36 14.31
CA VAL B 318 17.82 11.40 14.46
C VAL B 318 17.13 11.74 15.77
N THR B 319 16.03 12.48 15.70
CA THR B 319 15.52 13.10 16.95
C THR B 319 14.82 12.03 17.78
N PRO B 320 15.02 12.06 19.11
CA PRO B 320 14.36 11.13 20.02
C PRO B 320 12.84 11.05 19.81
N SER B 321 12.13 12.19 19.66
CA SER B 321 10.67 12.11 19.50
C SER B 321 10.34 11.37 18.20
N TRP B 322 11.15 11.51 17.15
CA TRP B 322 10.79 10.79 15.94
C TRP B 322 11.07 9.29 16.09
N LYS B 323 12.27 8.91 16.57
CA LYS B 323 12.73 7.52 16.46
C LYS B 323 11.92 6.65 17.43
N ARG B 324 11.52 7.19 18.57
CA ARG B 324 10.80 6.42 19.60
C ARG B 324 9.47 5.87 19.07
N SER B 325 8.96 6.45 17.99
CA SER B 325 7.69 6.03 17.39
C SER B 325 7.85 4.79 16.49
N CYS B 326 9.08 4.42 16.13
CA CYS B 326 9.31 3.37 15.15
C CYS B 326 9.43 2.00 15.80
N GLU B 327 8.69 1.05 15.25
CA GLU B 327 8.90 -0.37 15.54
C GLU B 327 10.40 -0.70 15.34
N ALA B 328 10.98 -1.42 16.30
CA ALA B 328 12.30 -2.01 16.23
C ALA B 328 13.44 -0.96 16.26
N ILE B 329 13.16 0.24 16.79
CA ILE B 329 14.20 1.28 16.93
C ILE B 329 15.36 0.73 17.77
N VAL B 330 15.07 0.08 18.90
CA VAL B 330 16.10 -0.41 19.82
C VAL B 330 17.02 -1.42 19.10
N GLU B 331 16.41 -2.41 18.43
CA GLU B 331 17.13 -3.45 17.76
C GLU B 331 17.93 -2.85 16.60
N THR B 332 17.38 -1.81 15.97
CA THR B 332 18.03 -1.12 14.90
C THR B 332 19.33 -0.46 15.39
N GLU B 333 19.24 0.25 16.53
CA GLU B 333 20.38 0.93 17.13
C GLU B 333 21.46 -0.09 17.50
N GLU B 334 21.03 -1.21 18.08
CA GLU B 334 21.94 -2.29 18.45
C GLU B 334 22.65 -2.84 17.21
N SER B 335 21.92 -3.02 16.11
CA SER B 335 22.44 -3.71 14.94
C SER B 335 23.55 -2.85 14.29
N ALA B 336 23.45 -1.52 14.45
CA ALA B 336 24.45 -0.61 13.95
C ALA B 336 25.83 -0.89 14.55
N VAL B 337 25.90 -1.25 15.83
CA VAL B 337 27.17 -1.50 16.47
C VAL B 337 27.84 -2.71 15.76
N LYS B 338 27.05 -3.75 15.48
CA LYS B 338 27.56 -4.96 14.82
C LYS B 338 28.02 -4.64 13.39
N LEU B 339 27.24 -3.81 12.68
CA LEU B 339 27.65 -3.44 11.32
C LEU B 339 28.94 -2.63 11.36
N TYR B 340 29.03 -1.73 12.33
CA TYR B 340 30.20 -0.88 12.47
C TYR B 340 31.45 -1.74 12.71
N GLU B 341 31.33 -2.84 13.46
CA GLU B 341 32.42 -3.72 13.70
C GLU B 341 32.89 -4.34 12.36
N LEU B 342 31.96 -4.68 11.46
CA LEU B 342 32.32 -5.28 10.15
C LEU B 342 33.10 -4.25 9.34
N TYR B 343 32.59 -3.02 9.34
CA TYR B 343 33.26 -1.90 8.67
C TYR B 343 34.69 -1.73 9.16
N CYS B 344 34.85 -1.64 10.48
CA CYS B 344 36.14 -1.42 11.09
C CYS B 344 37.09 -2.59 10.81
N LYS B 345 36.57 -3.82 10.83
CA LYS B 345 37.35 -5.05 10.54
C LYS B 345 37.98 -4.96 9.14
N GLN B 346 37.19 -4.50 8.15
CA GLN B 346 37.56 -4.44 6.75
C GLN B 346 38.54 -3.30 6.48
N LEU B 347 38.71 -2.33 7.39
CA LEU B 347 39.77 -1.33 7.18
C LEU B 347 41.11 -2.07 7.28
#